data_4KXU
#
_entry.id   4KXU
#
_cell.length_a   113.760
_cell.length_b   85.880
_cell.length_c   72.990
_cell.angle_alpha   90.00
_cell.angle_beta   125.31
_cell.angle_gamma   90.00
#
_symmetry.space_group_name_H-M   'C 1 2 1'
#
loop_
_entity.id
_entity.type
_entity.pdbx_description
1 polymer Transketolase
2 non-polymer 1,2-ETHANEDIOL
3 non-polymer 'MAGNESIUM ION'
4 non-polymer 'SODIUM ION'
5 non-polymer D-SORBITOL-6-PHOSPHATE
6 non-polymer 'THIAMINE DIPHOSPHATE'
7 water water
#
_entity_poly.entity_id   1
_entity_poly.type   'polypeptide(L)'
_entity_poly.pdbx_seq_one_letter_code
;MESYHKPDQQKLQALKDTANRLRISSIQATTAAGSGHPTSCCSAAEIMAVLFFHTMRYKSQDPRNPHNDRFVLSKGHAAP
ILYAVWAEAGFLAEAELLNLRKISSDLDGHPVPKQAFTDVATGSLGQGLGAACGMAYTGKYFDKASYRVYCLLGDGELSE
GSVWEAMAFASIYKLDNLVAILDINRLGQSDPAPLQHQMDIYQKRCEAFGWHAIIVDGHSVEELCKAFGQAKHQPTAIIA
KTFKGRGITGVEDKESWHGKPLPKNMAEQIIQEIYSQIQSKKKILATPPQEDAPSVDIANIRMPSLPSYKVGDKIATRKA
YGQALAKLGHASDRIIALDGDTKNSTFSEIFKKEHPDRFIECYIAEQNMVSIAVGCATRNRTVPFCSTFAAFFTRAFDQI
RMAAISESNINLCGSHCGVSIGEDGPSQMALEDLAMFRSVPTSTVFYPSDGVATEKAVELAANTKGICFIRTSRPENAII
YNNNEDFQVGQAKVVLKSKDDQVTVIGAGVTLHEALAAAELLKKEKINIRVLDPFTIKPLDRKLILDSARATKGRILTVE
DHYYEGGIGEAVSSAVVGEPGITVTHLAVNRVPRSGKPAELLKMFGIDRDAIAQAVRGLITKALVPRGSLEHHHHHH
;
_entity_poly.pdbx_strand_id   A
#
# COMPACT_ATOMS: atom_id res chain seq x y z
N GLU A 2 10.44 1.49 -32.09
CA GLU A 2 9.44 0.85 -32.93
C GLU A 2 8.38 1.89 -33.33
N SER A 3 8.14 1.94 -34.63
N SER A 3 8.08 1.87 -34.63
CA SER A 3 7.27 2.91 -35.26
CA SER A 3 7.26 2.95 -35.15
C SER A 3 5.84 2.82 -34.71
C SER A 3 5.78 2.81 -34.82
N TYR A 4 5.17 3.97 -34.57
CA TYR A 4 3.71 4.01 -34.52
C TYR A 4 3.13 3.34 -35.75
N HIS A 5 2.16 2.47 -35.56
CA HIS A 5 1.41 1.92 -36.68
C HIS A 5 0.14 2.76 -36.79
N LYS A 6 0.06 3.58 -37.85
CA LYS A 6 -1.07 4.48 -38.04
C LYS A 6 -2.25 3.69 -38.55
N PRO A 7 -3.33 3.57 -37.78
CA PRO A 7 -4.39 2.63 -38.16
C PRO A 7 -5.18 3.11 -39.38
N ASP A 8 -5.64 2.13 -40.15
CA ASP A 8 -6.60 2.38 -41.23
C ASP A 8 -7.99 2.47 -40.69
N GLN A 9 -8.97 2.91 -41.49
N GLN A 9 -8.88 2.81 -41.61
CA GLN A 9 -10.37 3.04 -41.10
CA GLN A 9 -10.27 3.00 -41.19
C GLN A 9 -10.97 1.74 -40.60
C GLN A 9 -10.75 1.64 -40.75
N GLN A 10 -10.56 0.61 -41.17
N GLN A 10 -10.33 0.51 -41.33
CA GLN A 10 -11.04 -0.68 -40.67
CA GLN A 10 -10.92 -0.75 -40.83
C GLN A 10 -10.50 -1.08 -39.30
C GLN A 10 -10.49 -0.99 -39.38
N LYS A 11 -9.21 -0.75 -39.04
CA LYS A 11 -8.72 -0.92 -37.68
C LYS A 11 -9.46 0.02 -36.72
N LEU A 12 -9.65 1.28 -37.14
CA LEU A 12 -10.41 2.21 -36.34
C LEU A 12 -11.83 1.71 -36.10
N GLN A 13 -12.50 1.20 -37.13
CA GLN A 13 -13.83 0.65 -36.92
C GLN A 13 -13.82 -0.55 -36.01
N ALA A 14 -12.78 -1.40 -36.08
CA ALA A 14 -12.66 -2.53 -35.19
C ALA A 14 -12.47 -2.02 -33.75
N LEU A 15 -11.75 -0.96 -33.55
CA LEU A 15 -11.61 -0.38 -32.20
C LEU A 15 -12.94 0.17 -31.70
N LYS A 16 -13.73 0.79 -32.56
CA LYS A 16 -15.07 1.24 -32.19
C LYS A 16 -15.94 0.06 -31.81
N ASP A 17 -15.90 -0.98 -32.65
CA ASP A 17 -16.66 -2.19 -32.39
C ASP A 17 -16.27 -2.77 -31.04
N THR A 18 -14.97 -2.79 -30.75
CA THR A 18 -14.45 -3.30 -29.48
C THR A 18 -15.02 -2.45 -28.35
N ALA A 19 -14.94 -1.13 -28.46
CA ALA A 19 -15.46 -0.25 -27.41
C ALA A 19 -16.93 -0.57 -27.15
N ASN A 20 -17.71 -0.75 -28.20
CA ASN A 20 -19.13 -1.06 -28.07
C ASN A 20 -19.37 -2.45 -27.47
N ARG A 21 -18.58 -3.43 -27.83
CA ARG A 21 -18.64 -4.73 -27.14
C ARG A 21 -18.37 -4.55 -25.64
N LEU A 22 -17.39 -3.72 -25.29
CA LEU A 22 -17.05 -3.51 -23.89
C LEU A 22 -18.22 -2.85 -23.16
N ARG A 23 -18.92 -1.92 -23.81
CA ARG A 23 -20.12 -1.33 -23.22
C ARG A 23 -21.19 -2.37 -22.96
N ILE A 24 -21.45 -3.20 -23.99
CA ILE A 24 -22.49 -4.24 -23.86
C ILE A 24 -22.14 -5.15 -22.68
N SER A 25 -20.89 -5.60 -22.60
N SER A 25 -20.87 -5.56 -22.60
CA SER A 25 -20.59 -6.52 -21.50
CA SER A 25 -20.35 -6.40 -21.55
C SER A 25 -20.74 -5.87 -20.14
C SER A 25 -20.49 -5.79 -20.17
N SER A 26 -20.31 -4.61 -20.02
N SER A 26 -20.14 -4.50 -20.00
CA SER A 26 -20.38 -3.86 -18.78
CA SER A 26 -20.37 -3.92 -18.67
C SER A 26 -21.82 -3.77 -18.29
C SER A 26 -21.87 -3.97 -18.33
N ILE A 27 -22.72 -3.55 -19.25
CA ILE A 27 -24.17 -3.50 -18.96
C ILE A 27 -24.67 -4.88 -18.60
N GLN A 28 -24.37 -5.87 -19.43
CA GLN A 28 -24.84 -7.23 -19.14
C GLN A 28 -24.44 -7.71 -17.78
N ALA A 29 -23.16 -7.49 -17.44
CA ALA A 29 -22.61 -8.02 -16.18
C ALA A 29 -23.23 -7.36 -14.98
N THR A 30 -23.37 -6.01 -15.03
CA THR A 30 -23.91 -5.29 -13.90
C THR A 30 -25.42 -5.51 -13.77
N THR A 31 -26.15 -5.62 -14.90
CA THR A 31 -27.54 -5.99 -14.80
C THR A 31 -27.73 -7.40 -14.22
N ALA A 32 -26.86 -8.33 -14.62
CA ALA A 32 -26.93 -9.68 -14.08
C ALA A 32 -26.65 -9.65 -12.58
N ALA A 33 -25.65 -8.88 -12.14
CA ALA A 33 -25.30 -8.81 -10.75
C ALA A 33 -26.34 -8.11 -9.94
N GLY A 34 -27.05 -7.16 -10.53
CA GLY A 34 -27.94 -6.28 -9.82
C GLY A 34 -27.25 -5.12 -9.14
N SER A 35 -25.98 -4.89 -9.42
CA SER A 35 -25.21 -3.80 -8.85
C SER A 35 -23.98 -3.58 -9.74
N GLY A 36 -23.39 -2.42 -9.53
CA GLY A 36 -22.20 -2.01 -10.29
C GLY A 36 -22.44 -0.67 -10.99
N HIS A 37 -21.48 -0.34 -11.87
CA HIS A 37 -21.27 1.04 -12.31
C HIS A 37 -21.15 1.11 -13.82
N PRO A 38 -22.19 0.68 -14.56
CA PRO A 38 -22.03 0.67 -16.03
C PRO A 38 -21.80 2.05 -16.60
N THR A 39 -22.35 3.11 -16.04
CA THR A 39 -22.11 4.42 -16.65
C THR A 39 -20.65 4.84 -16.54
N SER A 40 -19.96 4.42 -15.49
CA SER A 40 -18.53 4.67 -15.31
C SER A 40 -17.67 3.82 -16.23
N CYS A 41 -18.17 2.66 -16.61
CA CYS A 41 -17.51 1.86 -17.64
C CYS A 41 -17.62 2.51 -19.01
N CYS A 42 -18.84 2.98 -19.33
CA CYS A 42 -19.13 3.45 -20.67
C CYS A 42 -18.35 4.70 -21.06
N SER A 43 -18.05 5.59 -20.12
CA SER A 43 -17.24 6.77 -20.49
C SER A 43 -15.84 6.36 -20.92
N ALA A 44 -15.37 5.20 -20.45
CA ALA A 44 -13.99 4.76 -20.66
C ALA A 44 -13.83 3.77 -21.80
N ALA A 45 -14.89 3.47 -22.54
CA ALA A 45 -14.85 2.30 -23.44
C ALA A 45 -13.87 2.50 -24.59
N GLU A 46 -13.82 3.68 -25.23
CA GLU A 46 -12.85 3.89 -26.29
C GLU A 46 -11.43 3.89 -25.75
N ILE A 47 -11.23 4.52 -24.59
CA ILE A 47 -9.91 4.50 -23.96
C ILE A 47 -9.42 3.05 -23.77
N MET A 48 -10.31 2.21 -23.21
CA MET A 48 -9.92 0.83 -22.95
C MET A 48 -9.65 0.05 -24.22
N ALA A 49 -10.51 0.26 -25.23
CA ALA A 49 -10.30 -0.46 -26.49
C ALA A 49 -8.94 -0.09 -27.11
N VAL A 50 -8.65 1.21 -27.17
CA VAL A 50 -7.40 1.66 -27.78
C VAL A 50 -6.21 1.20 -26.97
N LEU A 51 -6.23 1.34 -25.65
CA LEU A 51 -5.08 0.87 -24.85
C LEU A 51 -4.81 -0.61 -25.08
N PHE A 52 -5.88 -1.43 -24.97
CA PHE A 52 -5.65 -2.86 -24.98
C PHE A 52 -5.43 -3.42 -26.37
N PHE A 53 -5.95 -2.76 -27.41
CA PHE A 53 -5.94 -3.35 -28.75
C PHE A 53 -5.28 -2.46 -29.81
N HIS A 54 -4.54 -1.45 -29.38
CA HIS A 54 -3.66 -0.73 -30.29
C HIS A 54 -2.36 -0.36 -29.58
N THR A 55 -2.44 0.28 -28.42
CA THR A 55 -1.28 0.91 -27.81
C THR A 55 -0.40 -0.05 -27.01
N MET A 56 -1.02 -0.80 -26.11
N MET A 56 -0.98 -0.76 -26.05
CA MET A 56 -0.32 -1.59 -25.11
CA MET A 56 -0.14 -1.49 -25.11
C MET A 56 0.35 -2.82 -25.71
C MET A 56 0.37 -2.77 -25.71
N ARG A 57 1.44 -3.26 -25.07
CA ARG A 57 2.15 -4.48 -25.44
C ARG A 57 2.17 -5.38 -24.23
N TYR A 58 1.63 -6.59 -24.39
CA TYR A 58 1.50 -7.51 -23.25
C TYR A 58 1.19 -8.89 -23.81
N LYS A 59 1.53 -9.91 -23.02
N LYS A 59 1.53 -9.88 -22.98
CA LYS A 59 1.17 -11.29 -23.26
CA LYS A 59 1.12 -11.24 -23.33
C LYS A 59 -0.26 -11.58 -22.78
C LYS A 59 -0.27 -11.54 -22.78
N SER A 60 -1.18 -11.78 -23.71
CA SER A 60 -2.60 -11.94 -23.33
C SER A 60 -2.86 -13.15 -22.46
N GLN A 61 -2.00 -14.18 -22.60
CA GLN A 61 -2.18 -15.39 -21.82
C GLN A 61 -1.33 -15.35 -20.57
N ASP A 62 -0.60 -14.31 -20.29
CA ASP A 62 0.27 -14.26 -19.11
C ASP A 62 0.29 -12.81 -18.58
N PRO A 63 -0.81 -12.39 -17.98
CA PRO A 63 -0.93 -10.98 -17.60
C PRO A 63 0.14 -10.51 -16.65
N ARG A 64 0.69 -11.37 -15.80
CA ARG A 64 1.72 -11.00 -14.84
C ARG A 64 3.12 -11.00 -15.39
N ASN A 65 3.26 -11.30 -16.69
CA ASN A 65 4.60 -11.41 -17.27
C ASN A 65 5.40 -10.11 -17.03
N PRO A 66 6.65 -10.23 -16.58
CA PRO A 66 7.42 -9.07 -16.17
C PRO A 66 7.78 -8.12 -17.33
N HIS A 67 7.64 -8.57 -18.57
CA HIS A 67 7.95 -7.76 -19.74
C HIS A 67 6.77 -6.90 -20.15
N ASN A 68 5.57 -7.18 -19.67
CA ASN A 68 4.37 -6.52 -20.13
C ASN A 68 4.30 -5.05 -19.73
N ASP A 69 3.70 -4.23 -20.62
CA ASP A 69 3.19 -2.96 -20.14
C ASP A 69 2.26 -3.19 -18.97
N ARG A 70 2.20 -2.21 -18.08
CA ARG A 70 1.28 -2.23 -16.93
C ARG A 70 0.10 -1.34 -17.21
N PHE A 71 -1.07 -1.76 -16.78
CA PHE A 71 -2.28 -0.93 -16.77
C PHE A 71 -2.84 -0.94 -15.35
N VAL A 72 -3.12 0.25 -14.83
CA VAL A 72 -3.69 0.43 -13.51
C VAL A 72 -5.04 1.13 -13.67
N LEU A 73 -6.10 0.45 -13.23
CA LEU A 73 -7.44 1.01 -13.24
C LEU A 73 -7.65 1.74 -11.94
N SER A 74 -7.25 3.02 -11.86
CA SER A 74 -7.37 3.76 -10.61
C SER A 74 -8.82 3.95 -10.19
N LYS A 75 -9.68 4.18 -11.18
CA LYS A 75 -11.14 4.29 -10.99
C LYS A 75 -11.69 2.86 -10.98
N GLY A 76 -11.45 2.16 -9.85
CA GLY A 76 -11.64 0.73 -9.79
C GLY A 76 -13.07 0.24 -9.94
N HIS A 77 -14.04 1.10 -9.71
CA HIS A 77 -15.44 0.76 -9.90
C HIS A 77 -15.78 0.54 -11.36
N ALA A 78 -14.87 0.86 -12.30
CA ALA A 78 -15.02 0.43 -13.68
C ALA A 78 -14.53 -0.97 -13.89
N ALA A 79 -14.36 -1.79 -12.83
CA ALA A 79 -13.92 -3.15 -12.95
C ALA A 79 -14.60 -3.95 -14.05
N PRO A 80 -15.94 -3.85 -14.27
CA PRO A 80 -16.53 -4.69 -15.31
C PRO A 80 -15.90 -4.50 -16.68
N ILE A 81 -15.44 -3.28 -17.02
CA ILE A 81 -14.85 -3.09 -18.32
C ILE A 81 -13.40 -3.60 -18.36
N LEU A 82 -12.70 -3.60 -17.23
CA LEU A 82 -11.41 -4.31 -17.13
C LEU A 82 -11.59 -5.79 -17.39
N TYR A 83 -12.62 -6.39 -16.77
CA TYR A 83 -12.84 -7.80 -16.99
C TYR A 83 -13.18 -8.07 -18.46
N ALA A 84 -14.02 -7.18 -19.03
CA ALA A 84 -14.40 -7.33 -20.43
C ALA A 84 -13.20 -7.28 -21.35
N VAL A 85 -12.23 -6.37 -21.14
N VAL A 85 -12.23 -6.42 -21.07
CA VAL A 85 -11.08 -6.34 -22.05
CA VAL A 85 -11.09 -6.32 -22.00
C VAL A 85 -10.32 -7.66 -21.95
C VAL A 85 -10.23 -7.56 -21.92
N TRP A 86 -10.15 -8.20 -20.74
CA TRP A 86 -9.36 -9.42 -20.62
C TRP A 86 -10.09 -10.61 -21.20
N ALA A 87 -11.43 -10.59 -21.28
CA ALA A 87 -12.14 -11.58 -22.05
C ALA A 87 -11.94 -11.31 -23.55
N GLU A 88 -12.03 -10.06 -23.99
CA GLU A 88 -11.79 -9.73 -25.37
C GLU A 88 -10.41 -10.16 -25.82
N ALA A 89 -9.43 -10.03 -24.94
CA ALA A 89 -8.04 -10.41 -25.23
C ALA A 89 -7.84 -11.92 -25.22
N GLY A 90 -8.82 -12.71 -24.75
CA GLY A 90 -8.76 -14.14 -24.74
C GLY A 90 -8.32 -14.80 -23.45
N PHE A 91 -8.03 -14.03 -22.42
CA PHE A 91 -7.55 -14.59 -21.16
C PHE A 91 -8.72 -15.16 -20.33
N LEU A 92 -9.79 -14.39 -20.18
N LEU A 92 -9.78 -14.42 -20.29
CA LEU A 92 -11.00 -14.78 -19.49
CA LEU A 92 -10.92 -14.71 -19.42
C LEU A 92 -12.02 -15.35 -20.47
C LEU A 92 -12.08 -15.22 -20.26
N ALA A 93 -12.74 -16.32 -19.93
CA ALA A 93 -13.87 -16.82 -20.68
C ALA A 93 -15.00 -15.80 -20.69
N GLU A 94 -15.61 -15.57 -21.86
N GLU A 94 -15.57 -15.55 -21.86
N GLU A 94 -15.61 -15.57 -21.86
CA GLU A 94 -16.65 -14.56 -21.95
CA GLU A 94 -16.70 -14.68 -22.03
CA GLU A 94 -16.63 -14.53 -21.95
C GLU A 94 -17.83 -14.88 -21.04
C GLU A 94 -17.78 -14.88 -20.98
C GLU A 94 -17.86 -14.89 -21.12
N ALA A 95 -18.17 -16.16 -20.87
CA ALA A 95 -19.33 -16.47 -20.03
C ALA A 95 -19.11 -16.05 -18.59
N GLU A 96 -17.85 -16.03 -18.15
CA GLU A 96 -17.59 -15.72 -16.75
C GLU A 96 -17.93 -14.29 -16.40
N LEU A 97 -17.93 -13.40 -17.41
CA LEU A 97 -18.24 -11.99 -17.15
C LEU A 97 -19.61 -11.82 -16.47
N LEU A 98 -20.57 -12.70 -16.79
CA LEU A 98 -21.91 -12.62 -16.24
C LEU A 98 -21.97 -13.00 -14.78
N ASN A 99 -20.88 -13.51 -14.23
CA ASN A 99 -20.78 -13.89 -12.83
C ASN A 99 -20.17 -12.81 -11.94
N LEU A 100 -20.05 -11.58 -12.49
CA LEU A 100 -19.63 -10.42 -11.73
C LEU A 100 -20.25 -10.38 -10.35
N ARG A 101 -19.44 -10.15 -9.33
CA ARG A 101 -19.84 -9.90 -7.96
C ARG A 101 -20.45 -11.11 -7.24
N LYS A 102 -20.46 -12.27 -7.87
CA LYS A 102 -20.92 -13.49 -7.20
C LYS A 102 -19.87 -14.11 -6.29
N ILE A 103 -20.32 -14.75 -5.23
CA ILE A 103 -19.41 -15.42 -4.30
C ILE A 103 -18.73 -16.63 -4.92
N SER A 104 -19.26 -17.11 -6.05
CA SER A 104 -18.73 -18.19 -6.84
C SER A 104 -17.70 -17.75 -7.89
N SER A 105 -17.42 -16.46 -7.95
CA SER A 105 -16.53 -15.89 -8.97
C SER A 105 -15.40 -15.09 -8.31
N ASP A 106 -14.34 -14.88 -9.07
CA ASP A 106 -13.30 -13.95 -8.69
C ASP A 106 -13.42 -12.62 -9.45
N LEU A 107 -14.49 -12.41 -10.20
CA LEU A 107 -14.74 -11.10 -10.84
C LEU A 107 -15.47 -10.19 -9.86
N ASP A 108 -14.74 -9.74 -8.83
CA ASP A 108 -15.32 -9.06 -7.70
C ASP A 108 -15.66 -7.61 -8.06
N GLY A 109 -16.29 -6.92 -7.17
CA GLY A 109 -16.87 -5.62 -7.42
C GLY A 109 -15.82 -4.58 -7.81
N HIS A 110 -14.64 -4.68 -7.22
CA HIS A 110 -13.49 -3.85 -7.59
C HIS A 110 -12.32 -4.79 -7.82
N PRO A 111 -11.31 -4.38 -8.59
CA PRO A 111 -10.22 -5.32 -8.96
C PRO A 111 -9.36 -5.68 -7.73
N VAL A 112 -8.89 -6.93 -7.72
CA VAL A 112 -8.09 -7.46 -6.63
C VAL A 112 -7.08 -8.45 -7.22
N PRO A 113 -5.93 -8.64 -6.56
CA PRO A 113 -4.85 -9.42 -7.16
C PRO A 113 -5.02 -10.92 -7.17
N LYS A 114 -6.12 -11.46 -6.67
CA LYS A 114 -6.47 -12.84 -7.03
C LYS A 114 -6.71 -12.96 -8.52
N GLN A 115 -7.00 -11.86 -9.20
CA GLN A 115 -7.07 -11.78 -10.65
C GLN A 115 -5.65 -11.62 -11.21
N ALA A 116 -5.26 -12.48 -12.15
CA ALA A 116 -3.90 -12.42 -12.70
C ALA A 116 -3.57 -11.09 -13.34
N PHE A 117 -4.60 -10.46 -13.88
CA PHE A 117 -4.46 -9.18 -14.59
C PHE A 117 -4.50 -7.97 -13.68
N THR A 118 -4.58 -8.16 -12.37
CA THR A 118 -4.59 -7.07 -11.41
C THR A 118 -3.35 -7.14 -10.52
N ASP A 119 -2.57 -6.07 -10.46
CA ASP A 119 -1.42 -5.99 -9.57
C ASP A 119 -1.76 -5.37 -8.22
N VAL A 120 -2.56 -4.32 -8.22
N VAL A 120 -2.60 -4.34 -8.21
CA VAL A 120 -2.93 -3.62 -7.00
CA VAL A 120 -2.91 -3.49 -7.09
C VAL A 120 -4.45 -3.50 -7.01
C VAL A 120 -4.42 -3.36 -7.00
N ALA A 121 -5.07 -3.66 -5.90
CA ALA A 121 -6.43 -3.37 -5.61
C ALA A 121 -6.65 -1.84 -5.62
N THR A 122 -7.60 -1.05 -6.18
N THR A 122 -7.75 -1.65 -6.41
CA THR A 122 -7.80 0.38 -6.38
CA THR A 122 -8.24 -0.33 -6.26
C THR A 122 -9.21 0.89 -6.04
C THR A 122 -9.69 -0.38 -5.83
N GLY A 123 -10.00 0.14 -5.31
N GLY A 123 -10.23 0.80 -5.62
CA GLY A 123 -11.33 0.53 -4.96
CA GLY A 123 -11.57 0.97 -5.14
C GLY A 123 -11.47 1.82 -4.16
C GLY A 123 -11.63 2.01 -4.05
N SER A 124 -10.49 2.18 -3.35
CA SER A 124 -10.37 3.46 -2.65
C SER A 124 -9.69 4.41 -3.65
N LEU A 125 -10.43 5.43 -4.05
CA LEU A 125 -10.02 6.28 -5.14
C LEU A 125 -8.76 7.08 -4.80
N GLY A 126 -8.03 7.42 -5.86
CA GLY A 126 -6.91 8.29 -5.77
C GLY A 126 -5.58 7.62 -5.46
N GLN A 127 -5.54 6.31 -5.46
CA GLN A 127 -4.33 5.58 -5.08
C GLN A 127 -3.62 4.94 -6.27
N GLY A 128 -4.31 4.73 -7.39
CA GLY A 128 -3.72 3.97 -8.47
C GLY A 128 -2.53 4.69 -9.10
N LEU A 129 -2.58 6.01 -9.21
CA LEU A 129 -1.48 6.71 -9.86
C LEU A 129 -0.18 6.57 -9.07
N GLY A 130 -0.27 6.57 -7.75
CA GLY A 130 0.94 6.36 -6.97
C GLY A 130 1.54 4.98 -7.18
N ALA A 131 0.66 3.96 -7.21
CA ALA A 131 1.19 2.62 -7.51
C ALA A 131 1.82 2.60 -8.90
N ALA A 132 1.16 3.21 -9.87
CA ALA A 132 1.68 3.30 -11.23
C ALA A 132 3.03 4.01 -11.25
N CYS A 133 3.20 5.07 -10.47
CA CYS A 133 4.50 5.71 -10.35
C CYS A 133 5.56 4.77 -9.87
N GLY A 134 5.23 3.92 -8.86
CA GLY A 134 6.24 2.96 -8.41
C GLY A 134 6.59 1.94 -9.51
N MET A 135 5.60 1.49 -10.24
CA MET A 135 5.85 0.59 -11.38
C MET A 135 6.75 1.25 -12.42
N ALA A 136 6.45 2.51 -12.73
CA ALA A 136 7.22 3.23 -13.76
C ALA A 136 8.63 3.51 -13.30
N TYR A 137 8.78 3.93 -12.02
CA TYR A 137 10.11 4.14 -11.44
C TYR A 137 10.92 2.87 -11.54
N THR A 138 10.29 1.76 -11.15
CA THR A 138 10.95 0.47 -11.24
C THR A 138 11.35 0.16 -12.69
N GLY A 139 10.44 0.38 -13.65
CA GLY A 139 10.75 0.10 -15.02
C GLY A 139 11.93 0.87 -15.54
N LYS A 140 11.99 2.16 -15.20
CA LYS A 140 13.02 3.05 -15.76
C LYS A 140 14.36 2.90 -15.07
N TYR A 141 14.34 2.77 -13.73
CA TYR A 141 15.55 2.86 -12.95
C TYR A 141 16.07 1.55 -12.39
N PHE A 142 15.20 0.58 -12.15
CA PHE A 142 15.61 -0.71 -11.56
C PHE A 142 15.68 -1.81 -12.61
N ASP A 143 14.52 -2.12 -13.20
CA ASP A 143 14.49 -3.07 -14.28
C ASP A 143 15.19 -2.56 -15.52
N LYS A 144 15.18 -1.27 -15.78
CA LYS A 144 15.74 -0.66 -16.97
C LYS A 144 15.22 -1.37 -18.21
N ALA A 145 13.89 -1.47 -18.26
CA ALA A 145 13.18 -2.24 -19.27
C ALA A 145 12.29 -1.34 -20.14
N SER A 146 11.74 -1.89 -21.21
N SER A 146 11.80 -1.93 -21.21
CA SER A 146 11.01 -1.09 -22.19
CA SER A 146 11.03 -1.18 -22.19
C SER A 146 9.51 -0.96 -21.86
C SER A 146 9.60 -0.88 -21.75
N TYR A 147 9.02 -1.64 -20.83
CA TYR A 147 7.57 -1.57 -20.60
C TYR A 147 7.19 -0.14 -20.18
N ARG A 148 5.95 0.19 -20.54
CA ARG A 148 5.31 1.44 -20.18
C ARG A 148 4.21 1.17 -19.20
N VAL A 149 3.78 2.23 -18.52
CA VAL A 149 2.77 2.15 -17.47
C VAL A 149 1.66 3.15 -17.81
N TYR A 150 0.43 2.66 -17.78
CA TYR A 150 -0.76 3.43 -18.11
C TYR A 150 -1.72 3.37 -16.95
N CYS A 151 -2.25 4.51 -16.52
CA CYS A 151 -3.13 4.60 -15.38
C CYS A 151 -4.37 5.41 -15.73
N LEU A 152 -5.54 4.81 -15.60
CA LEU A 152 -6.83 5.46 -15.88
C LEU A 152 -7.49 5.95 -14.59
N LEU A 153 -7.76 7.24 -14.53
CA LEU A 153 -8.34 7.93 -13.38
C LEU A 153 -9.70 8.54 -13.76
N GLY A 154 -10.56 8.67 -12.77
CA GLY A 154 -11.78 9.47 -12.92
C GLY A 154 -11.50 10.94 -12.67
N ASP A 155 -12.50 11.77 -12.99
CA ASP A 155 -12.38 13.20 -12.74
C ASP A 155 -12.71 13.57 -11.31
N GLY A 156 -13.79 13.03 -10.73
CA GLY A 156 -14.03 13.22 -9.32
C GLY A 156 -12.83 12.76 -8.49
N GLU A 157 -12.23 11.66 -8.89
CA GLU A 157 -11.04 11.09 -8.23
C GLU A 157 -9.91 12.07 -8.08
N LEU A 158 -9.84 13.02 -9.04
N LEU A 158 -9.68 12.98 -9.03
CA LEU A 158 -8.75 13.97 -9.03
CA LEU A 158 -8.65 14.00 -8.99
C LEU A 158 -8.81 14.95 -7.87
C LEU A 158 -8.89 15.08 -7.96
N SER A 159 -9.93 14.96 -7.13
CA SER A 159 -10.00 15.75 -5.92
C SER A 159 -9.13 15.18 -4.79
N GLU A 160 -8.69 13.94 -4.88
CA GLU A 160 -7.87 13.36 -3.82
C GLU A 160 -6.46 13.94 -3.90
N GLY A 161 -5.94 14.42 -2.74
CA GLY A 161 -4.62 14.95 -2.70
C GLY A 161 -3.53 13.97 -3.08
N SER A 162 -3.76 12.71 -2.77
CA SER A 162 -2.78 11.68 -3.12
C SER A 162 -2.49 11.65 -4.62
N VAL A 163 -3.47 12.00 -5.45
CA VAL A 163 -3.21 12.04 -6.88
C VAL A 163 -2.15 13.06 -7.21
N TRP A 164 -2.25 14.24 -6.58
CA TRP A 164 -1.33 15.34 -6.85
C TRP A 164 0.06 15.08 -6.30
N GLU A 165 0.16 14.34 -5.19
CA GLU A 165 1.48 13.87 -4.75
C GLU A 165 2.12 13.01 -5.83
N ALA A 166 1.33 12.10 -6.42
CA ALA A 166 1.85 11.24 -7.48
C ALA A 166 2.22 12.06 -8.72
N MET A 167 1.36 13.01 -9.09
N MET A 167 1.42 13.06 -9.08
CA MET A 167 1.68 13.91 -10.21
CA MET A 167 1.79 13.85 -10.27
C MET A 167 3.06 14.51 -10.00
C MET A 167 3.06 14.64 -10.04
N ALA A 168 3.28 15.10 -8.81
CA ALA A 168 4.53 15.78 -8.53
C ALA A 168 5.69 14.81 -8.55
N PHE A 169 5.52 13.60 -7.97
CA PHE A 169 6.57 12.57 -7.94
C PHE A 169 7.01 12.26 -9.36
N ALA A 170 6.05 12.02 -10.24
CA ALA A 170 6.38 11.62 -11.60
C ALA A 170 7.20 12.66 -12.33
N SER A 171 6.86 13.94 -12.13
N SER A 171 6.91 13.94 -12.11
N SER A 171 7.13 13.92 -11.99
CA SER A 171 7.74 14.94 -12.79
CA SER A 171 7.67 15.04 -12.67
CA SER A 171 7.85 14.98 -12.67
C SER A 171 9.08 15.08 -12.08
C SER A 171 9.11 15.08 -12.10
C SER A 171 9.25 15.08 -12.12
N ILE A 172 9.20 15.01 -10.77
CA ILE A 172 10.50 15.02 -10.11
C ILE A 172 11.40 13.94 -10.67
N TYR A 173 10.82 12.75 -10.80
CA TYR A 173 11.62 11.58 -11.22
C TYR A 173 11.54 11.29 -12.69
N LYS A 174 11.01 12.20 -13.49
N LYS A 174 11.06 12.26 -13.45
CA LYS A 174 11.15 12.12 -14.94
CA LYS A 174 11.04 12.24 -14.91
C LYS A 174 10.62 10.81 -15.47
C LYS A 174 10.60 10.89 -15.46
N LEU A 175 9.40 10.47 -15.07
CA LEU A 175 8.80 9.19 -15.46
C LEU A 175 8.17 9.32 -16.84
N ASP A 176 9.06 9.34 -17.86
N ASP A 176 9.04 9.35 -17.86
CA ASP A 176 8.61 9.52 -19.24
CA ASP A 176 8.69 9.44 -19.27
C ASP A 176 8.00 8.23 -19.80
C ASP A 176 8.30 8.11 -19.90
N ASN A 177 8.01 7.13 -19.06
CA ASN A 177 7.40 5.87 -19.38
C ASN A 177 5.99 5.74 -18.78
N LEU A 178 5.45 6.81 -18.21
CA LEU A 178 4.17 6.82 -17.52
C LEU A 178 3.19 7.72 -18.24
N VAL A 179 1.97 7.18 -18.41
CA VAL A 179 0.86 7.90 -19.00
C VAL A 179 -0.33 7.82 -18.05
N ALA A 180 -0.90 8.97 -17.71
CA ALA A 180 -2.15 9.06 -16.97
C ALA A 180 -3.24 9.44 -17.94
N ILE A 181 -4.34 8.69 -17.93
CA ILE A 181 -5.50 8.99 -18.75
C ILE A 181 -6.60 9.46 -17.80
N LEU A 182 -7.09 10.66 -18.02
CA LEU A 182 -8.08 11.26 -17.16
C LEU A 182 -9.44 11.19 -17.86
N ASP A 183 -10.37 10.44 -17.28
CA ASP A 183 -11.70 10.24 -17.83
C ASP A 183 -12.59 11.41 -17.36
N ILE A 184 -12.51 12.51 -18.11
CA ILE A 184 -13.20 13.73 -17.71
C ILE A 184 -14.66 13.65 -18.23
N ASN A 185 -15.45 12.88 -17.50
CA ASN A 185 -16.84 12.62 -17.87
C ASN A 185 -17.82 13.55 -17.18
N ARG A 186 -17.32 14.62 -16.57
CA ARG A 186 -18.08 15.73 -16.03
C ARG A 186 -18.67 15.49 -14.63
N LEU A 187 -18.90 14.23 -14.29
CA LEU A 187 -19.72 13.87 -13.14
C LEU A 187 -18.90 12.99 -12.17
N GLY A 188 -19.18 13.18 -10.89
CA GLY A 188 -18.77 12.25 -9.84
C GLY A 188 -19.95 11.39 -9.44
N GLN A 189 -19.99 11.02 -8.16
CA GLN A 189 -21.04 10.11 -7.68
C GLN A 189 -22.37 10.81 -7.48
N SER A 190 -22.33 11.99 -6.85
CA SER A 190 -23.54 12.63 -6.33
C SER A 190 -23.74 14.05 -6.82
N ASP A 191 -22.90 14.48 -7.76
CA ASP A 191 -22.97 15.81 -8.30
C ASP A 191 -21.95 15.89 -9.45
N PRO A 192 -21.96 16.94 -10.24
CA PRO A 192 -20.88 17.17 -11.19
C PRO A 192 -19.54 17.28 -10.44
N ALA A 193 -18.48 16.83 -11.07
CA ALA A 193 -17.15 17.07 -10.52
C ALA A 193 -16.91 18.57 -10.55
N PRO A 194 -16.10 19.11 -9.65
CA PRO A 194 -15.97 20.58 -9.57
C PRO A 194 -15.70 21.29 -10.88
N LEU A 195 -14.76 20.80 -11.69
CA LEU A 195 -14.37 21.48 -12.92
C LEU A 195 -15.22 21.09 -14.09
N GLN A 196 -16.12 20.13 -13.99
CA GLN A 196 -16.99 19.75 -15.09
C GLN A 196 -16.16 19.54 -16.39
N HIS A 197 -16.56 20.21 -17.47
CA HIS A 197 -15.87 20.06 -18.76
C HIS A 197 -14.99 21.27 -19.06
N GLN A 198 -14.43 21.88 -18.03
CA GLN A 198 -13.42 22.95 -18.17
C GLN A 198 -12.07 22.34 -18.45
N MET A 199 -11.90 21.83 -19.66
CA MET A 199 -10.73 21.04 -20.05
C MET A 199 -9.46 21.83 -19.89
N ASP A 200 -9.52 23.14 -20.15
N ASP A 200 -9.49 23.13 -20.19
CA ASP A 200 -8.38 24.01 -20.05
CA ASP A 200 -8.26 23.91 -20.13
C ASP A 200 -7.79 24.06 -18.64
C ASP A 200 -7.83 24.06 -18.68
N ILE A 201 -8.62 24.06 -17.59
N ILE A 201 -8.77 23.94 -17.73
CA ILE A 201 -8.12 24.08 -16.22
CA ILE A 201 -8.34 24.07 -16.32
C ILE A 201 -7.48 22.76 -15.87
C ILE A 201 -7.57 22.81 -15.95
N TYR A 202 -8.04 21.63 -16.30
CA TYR A 202 -7.31 20.38 -16.11
C TYR A 202 -5.93 20.47 -16.77
N GLN A 203 -5.88 20.98 -18.00
CA GLN A 203 -4.61 21.07 -18.68
C GLN A 203 -3.63 21.95 -17.88
N LYS A 204 -4.07 23.12 -17.42
CA LYS A 204 -3.20 23.99 -16.66
C LYS A 204 -2.71 23.32 -15.38
N ARG A 205 -3.57 22.58 -14.69
CA ARG A 205 -3.14 21.90 -13.47
C ARG A 205 -2.09 20.86 -13.76
N CYS A 206 -2.31 20.04 -14.77
CA CYS A 206 -1.33 19.02 -15.15
C CYS A 206 0.00 19.63 -15.56
N GLU A 207 -0.08 20.68 -16.39
CA GLU A 207 1.15 21.33 -16.85
C GLU A 207 1.90 21.98 -15.68
N ALA A 208 1.19 22.58 -14.73
CA ALA A 208 1.82 23.23 -13.61
C ALA A 208 2.59 22.23 -12.75
N PHE A 209 2.12 20.95 -12.75
CA PHE A 209 2.75 19.86 -12.03
C PHE A 209 3.76 19.10 -12.89
N GLY A 210 4.11 19.65 -14.06
CA GLY A 210 5.25 19.14 -14.81
C GLY A 210 4.95 18.10 -15.84
N TRP A 211 3.70 17.85 -16.14
CA TRP A 211 3.31 16.86 -17.12
C TRP A 211 3.09 17.50 -18.49
N HIS A 212 3.35 16.70 -19.52
CA HIS A 212 2.90 17.03 -20.89
C HIS A 212 1.41 16.69 -20.98
N ALA A 213 0.57 17.63 -21.29
CA ALA A 213 -0.87 17.46 -21.20
C ALA A 213 -1.50 17.63 -22.56
N ILE A 214 -2.30 16.66 -22.98
CA ILE A 214 -2.95 16.65 -24.28
C ILE A 214 -4.44 16.50 -24.04
N ILE A 215 -5.24 17.44 -24.49
CA ILE A 215 -6.71 17.29 -24.46
C ILE A 215 -7.17 16.55 -25.68
N VAL A 216 -7.99 15.52 -25.50
CA VAL A 216 -8.54 14.75 -26.59
C VAL A 216 -10.04 14.59 -26.42
N ASP A 217 -10.72 14.27 -27.54
CA ASP A 217 -12.05 13.70 -27.52
C ASP A 217 -11.91 12.24 -27.09
N GLY A 218 -12.36 11.93 -25.86
CA GLY A 218 -12.21 10.60 -25.35
C GLY A 218 -13.08 9.54 -25.96
N HIS A 219 -13.94 9.92 -26.88
CA HIS A 219 -14.73 8.98 -27.62
C HIS A 219 -14.29 8.89 -29.10
N SER A 220 -13.12 9.48 -29.42
CA SER A 220 -12.55 9.32 -30.75
C SER A 220 -11.42 8.30 -30.71
N VAL A 221 -11.62 7.11 -31.26
CA VAL A 221 -10.54 6.12 -31.28
C VAL A 221 -9.35 6.67 -32.03
N GLU A 222 -9.56 7.42 -33.09
N GLU A 222 -9.51 7.49 -33.06
CA GLU A 222 -8.45 7.97 -33.83
CA GLU A 222 -8.31 7.87 -33.81
C GLU A 222 -7.57 8.85 -32.95
C GLU A 222 -7.54 8.97 -33.08
N GLU A 223 -8.15 9.85 -32.30
CA GLU A 223 -7.45 10.82 -31.50
C GLU A 223 -6.73 10.09 -30.37
N LEU A 224 -7.34 9.07 -29.80
CA LEU A 224 -6.71 8.29 -28.75
C LEU A 224 -5.49 7.54 -29.27
N CYS A 225 -5.64 6.88 -30.43
CA CYS A 225 -4.50 6.14 -31.00
C CYS A 225 -3.32 7.10 -31.18
N LYS A 226 -3.60 8.26 -31.72
CA LYS A 226 -2.55 9.21 -32.06
C LYS A 226 -1.89 9.73 -30.79
N ALA A 227 -2.69 10.12 -29.77
CA ALA A 227 -2.14 10.68 -28.55
C ALA A 227 -1.33 9.64 -27.78
N PHE A 228 -1.81 8.41 -27.74
CA PHE A 228 -1.07 7.34 -27.08
C PHE A 228 0.17 6.91 -27.87
N GLY A 229 0.21 7.20 -29.15
CA GLY A 229 1.24 6.65 -30.00
C GLY A 229 2.48 7.47 -30.00
N GLN A 230 2.65 8.57 -29.30
N GLN A 230 2.22 8.73 -29.64
CA GLN A 230 3.85 9.39 -29.25
CA GLN A 230 3.23 9.72 -29.99
C GLN A 230 4.45 9.44 -27.84
C GLN A 230 4.32 9.51 -28.95
N ALA A 231 5.63 8.85 -27.66
N ALA A 231 5.48 9.95 -29.43
CA ALA A 231 6.39 8.96 -26.39
CA ALA A 231 6.68 9.87 -28.62
C ALA A 231 6.88 10.38 -26.21
C ALA A 231 6.47 10.70 -27.36
N LYS A 232 7.09 10.74 -24.97
N LYS A 232 6.82 10.15 -26.21
CA LYS A 232 7.50 12.07 -24.55
CA LYS A 232 6.74 10.88 -24.96
C LYS A 232 8.70 11.94 -23.60
C LYS A 232 8.10 11.20 -24.41
N HIS A 233 9.29 13.05 -23.21
N HIS A 233 8.18 12.36 -23.79
CA HIS A 233 10.38 13.12 -22.26
CA HIS A 233 9.42 12.95 -23.34
C HIS A 233 9.89 13.52 -20.87
C HIS A 233 9.39 13.26 -21.84
N GLN A 234 8.60 13.64 -20.65
N GLN A 234 8.29 13.15 -21.14
CA GLN A 234 7.87 13.86 -19.44
CA GLN A 234 8.09 13.43 -19.71
C GLN A 234 6.78 12.81 -19.29
C GLN A 234 6.80 12.73 -19.30
N PRO A 235 6.35 12.65 -18.06
CA PRO A 235 5.06 11.97 -17.82
C PRO A 235 3.99 12.69 -18.61
N THR A 236 3.07 11.93 -19.21
CA THR A 236 2.08 12.48 -20.13
C THR A 236 0.68 12.24 -19.62
N ALA A 237 -0.12 13.31 -19.62
CA ALA A 237 -1.52 13.25 -19.20
C ALA A 237 -2.39 13.38 -20.45
N ILE A 238 -3.17 12.38 -20.71
CA ILE A 238 -4.17 12.38 -21.79
C ILE A 238 -5.46 12.76 -21.11
N ILE A 239 -5.94 13.97 -21.36
CA ILE A 239 -7.06 14.59 -20.69
C ILE A 239 -8.25 14.41 -21.59
N ALA A 240 -9.07 13.40 -21.33
CA ALA A 240 -10.06 12.92 -22.27
C ALA A 240 -11.43 13.47 -21.91
N LYS A 241 -11.98 14.28 -22.81
CA LYS A 241 -13.35 14.78 -22.65
C LYS A 241 -14.31 13.65 -23.03
N THR A 242 -15.09 13.19 -22.07
CA THR A 242 -16.02 12.07 -22.27
C THR A 242 -17.38 12.45 -21.67
N PHE A 243 -18.34 11.57 -21.91
CA PHE A 243 -19.67 11.67 -21.31
C PHE A 243 -19.94 10.41 -20.50
N LYS A 244 -20.37 10.62 -19.28
CA LYS A 244 -20.71 9.50 -18.40
C LYS A 244 -21.87 8.74 -19.01
N GLY A 245 -21.83 7.41 -19.01
CA GLY A 245 -22.90 6.70 -19.68
C GLY A 245 -22.89 6.83 -21.18
N ARG A 246 -21.77 7.18 -21.80
CA ARG A 246 -21.67 7.31 -23.26
C ARG A 246 -22.25 6.09 -23.92
N GLY A 247 -23.15 6.34 -24.88
CA GLY A 247 -23.74 5.29 -25.67
C GLY A 247 -25.03 4.71 -25.14
N ILE A 248 -25.41 5.11 -23.93
CA ILE A 248 -26.66 4.67 -23.31
C ILE A 248 -27.69 5.78 -23.51
N THR A 249 -28.55 5.67 -24.51
N THR A 249 -28.60 5.61 -24.47
CA THR A 249 -29.50 6.66 -24.83
CA THR A 249 -29.39 6.74 -24.90
C THR A 249 -30.32 6.94 -23.60
C THR A 249 -30.31 7.21 -23.78
N GLY A 250 -30.46 8.22 -23.30
N GLY A 250 -30.29 8.52 -23.54
CA GLY A 250 -31.25 8.62 -22.17
CA GLY A 250 -31.06 8.99 -22.41
C GLY A 250 -30.55 8.73 -20.83
C GLY A 250 -30.12 9.21 -21.22
N VAL A 251 -29.38 8.20 -20.81
CA VAL A 251 -28.57 8.17 -19.60
C VAL A 251 -27.24 8.94 -19.77
N GLU A 252 -26.72 8.99 -20.98
CA GLU A 252 -25.49 9.70 -21.28
C GLU A 252 -25.61 11.13 -20.77
N ASP A 253 -24.60 11.52 -19.99
CA ASP A 253 -24.45 12.90 -19.47
C ASP A 253 -25.47 13.27 -18.42
N LYS A 254 -26.16 12.31 -17.83
CA LYS A 254 -27.17 12.58 -16.81
C LYS A 254 -26.67 12.26 -15.40
N GLU A 255 -27.13 13.12 -14.48
N GLU A 255 -27.16 13.03 -14.44
CA GLU A 255 -27.09 12.84 -13.05
CA GLU A 255 -26.93 12.71 -13.02
C GLU A 255 -28.07 11.70 -12.73
C GLU A 255 -27.84 11.60 -12.53
N SER A 256 -27.89 11.18 -11.52
N SER A 256 -27.63 11.17 -11.29
CA SER A 256 -28.67 10.16 -10.86
CA SER A 256 -28.54 10.18 -10.72
C SER A 256 -28.38 8.72 -11.29
C SER A 256 -28.38 8.78 -11.34
N TRP A 257 -27.25 8.51 -11.97
CA TRP A 257 -26.97 7.20 -12.55
C TRP A 257 -25.65 6.60 -12.08
N HIS A 258 -24.90 7.24 -11.23
CA HIS A 258 -23.67 6.66 -10.77
C HIS A 258 -23.94 5.42 -9.93
N GLY A 259 -23.30 4.30 -10.25
CA GLY A 259 -23.46 3.10 -9.46
C GLY A 259 -24.86 2.52 -9.52
N LYS A 260 -25.60 2.79 -10.57
CA LYS A 260 -26.94 2.27 -10.76
C LYS A 260 -26.92 1.38 -12.00
N PRO A 261 -27.30 0.12 -11.83
N PRO A 261 -27.09 0.08 -11.92
CA PRO A 261 -27.37 -0.80 -12.96
CA PRO A 261 -27.27 -0.72 -13.12
C PRO A 261 -28.64 -0.55 -13.75
C PRO A 261 -28.54 -0.31 -13.88
N LEU A 262 -28.62 -0.97 -15.00
N LEU A 262 -28.61 -0.74 -15.13
CA LEU A 262 -29.83 -0.81 -15.80
CA LEU A 262 -29.82 -0.75 -15.91
C LEU A 262 -30.83 -1.88 -15.43
C LEU A 262 -30.69 -1.95 -15.53
N PRO A 263 -32.13 -1.63 -15.30
N PRO A 263 -31.99 -1.73 -15.28
CA PRO A 263 -33.02 -2.80 -15.11
CA PRO A 263 -32.96 -2.84 -15.14
C PRO A 263 -33.13 -3.58 -16.40
C PRO A 263 -32.88 -3.74 -16.36
N LYS A 264 -33.52 -4.84 -16.25
N LYS A 264 -33.30 -4.98 -16.22
CA LYS A 264 -33.33 -5.84 -17.30
CA LYS A 264 -33.32 -5.91 -17.33
C LYS A 264 -34.03 -5.42 -18.57
C LYS A 264 -34.00 -5.34 -18.57
N ASN A 265 -35.21 -4.80 -18.44
CA ASN A 265 -35.92 -4.39 -19.66
C ASN A 265 -35.16 -3.35 -20.41
N MET A 266 -34.56 -2.43 -19.67
CA MET A 266 -33.80 -1.32 -20.24
C MET A 266 -32.49 -1.81 -20.84
N ALA A 267 -31.80 -2.67 -20.11
CA ALA A 267 -30.55 -3.25 -20.62
C ALA A 267 -30.78 -3.90 -21.96
N GLU A 268 -31.85 -4.66 -22.12
CA GLU A 268 -32.07 -5.34 -23.37
C GLU A 268 -32.26 -4.35 -24.51
N GLN A 269 -33.00 -3.30 -24.29
CA GLN A 269 -33.24 -2.30 -25.34
C GLN A 269 -31.97 -1.57 -25.69
N ILE A 270 -31.20 -1.17 -24.68
CA ILE A 270 -29.97 -0.41 -24.93
C ILE A 270 -28.92 -1.28 -25.60
N ILE A 271 -28.80 -2.55 -25.18
CA ILE A 271 -27.85 -3.44 -25.79
C ILE A 271 -28.17 -3.65 -27.26
N GLN A 272 -29.45 -3.79 -27.63
CA GLN A 272 -29.81 -3.92 -29.06
C GLN A 272 -29.39 -2.70 -29.81
N GLU A 273 -29.57 -1.49 -29.25
N GLU A 273 -29.55 -1.50 -29.29
CA GLU A 273 -29.13 -0.23 -29.87
CA GLU A 273 -29.07 -0.32 -30.01
C GLU A 273 -27.61 -0.29 -30.11
C GLU A 273 -27.56 -0.19 -30.12
N ILE A 274 -26.84 -0.59 -29.08
CA ILE A 274 -25.41 -0.59 -29.21
C ILE A 274 -24.97 -1.63 -30.21
N TYR A 275 -25.57 -2.80 -30.09
N TYR A 275 -25.46 -2.87 -30.25
CA TYR A 275 -25.18 -3.91 -30.96
CA TYR A 275 -25.07 -3.87 -31.24
C TYR A 275 -25.39 -3.51 -32.42
C TYR A 275 -25.26 -3.37 -32.68
N SER A 276 -26.42 -2.70 -32.72
N SER A 276 -26.24 -2.49 -32.88
CA SER A 276 -26.75 -2.31 -34.08
CA SER A 276 -26.60 -2.13 -34.26
C SER A 276 -25.61 -1.51 -34.68
C SER A 276 -25.60 -1.12 -34.79
N GLN A 277 -24.76 -0.95 -33.85
N GLN A 277 -24.76 -0.68 -33.89
CA GLN A 277 -23.68 -0.12 -34.37
CA GLN A 277 -23.53 0.05 -34.18
C GLN A 277 -22.35 -0.83 -34.60
C GLN A 277 -22.36 -0.82 -34.61
N ILE A 278 -22.34 -2.09 -34.24
CA ILE A 278 -21.12 -2.90 -34.41
C ILE A 278 -21.09 -3.48 -35.81
N GLN A 279 -20.00 -3.23 -36.52
N GLN A 279 -19.98 -3.22 -36.51
CA GLN A 279 -19.96 -3.63 -37.90
CA GLN A 279 -19.88 -3.61 -37.90
C GLN A 279 -19.32 -4.98 -38.13
C GLN A 279 -19.40 -5.04 -38.09
N SER A 280 -18.51 -5.52 -37.24
CA SER A 280 -17.97 -6.90 -37.36
C SER A 280 -17.79 -7.52 -35.99
N LYS A 281 -18.00 -8.82 -35.90
CA LYS A 281 -17.76 -9.59 -34.71
C LYS A 281 -16.30 -9.95 -34.54
N LYS A 282 -15.47 -9.74 -35.57
CA LYS A 282 -14.08 -10.23 -35.47
C LYS A 282 -13.32 -9.40 -34.47
N LYS A 283 -12.59 -10.06 -33.58
CA LYS A 283 -11.85 -9.39 -32.56
C LYS A 283 -10.40 -9.09 -32.98
N ILE A 284 -9.92 -7.94 -32.49
N ILE A 284 -9.88 -7.99 -32.42
CA ILE A 284 -8.49 -7.62 -32.62
CA ILE A 284 -8.48 -7.57 -32.47
C ILE A 284 -7.66 -8.40 -31.61
C ILE A 284 -7.60 -8.30 -31.46
N LEU A 285 -6.46 -8.76 -31.99
CA LEU A 285 -5.52 -9.45 -31.12
C LEU A 285 -4.55 -8.50 -30.39
N ALA A 286 -4.19 -8.82 -29.16
CA ALA A 286 -3.17 -8.15 -28.41
C ALA A 286 -1.83 -8.30 -29.16
N THR A 287 -0.90 -7.41 -28.91
CA THR A 287 0.46 -7.46 -29.43
C THR A 287 1.47 -7.62 -28.31
N PRO A 288 2.42 -8.55 -28.44
CA PRO A 288 3.32 -8.86 -27.29
C PRO A 288 4.47 -7.88 -27.09
N PRO A 289 5.07 -7.93 -25.92
CA PRO A 289 6.16 -6.98 -25.51
C PRO A 289 7.54 -7.41 -25.95
N GLN A 290 8.47 -6.48 -25.94
CA GLN A 290 9.89 -6.72 -25.96
C GLN A 290 10.32 -7.31 -24.61
N GLU A 291 11.02 -8.42 -24.69
CA GLU A 291 11.35 -9.21 -23.50
C GLU A 291 12.68 -8.80 -22.91
N ASP A 292 12.70 -7.63 -22.32
CA ASP A 292 13.95 -7.09 -21.82
C ASP A 292 13.97 -6.80 -20.33
N ALA A 293 13.05 -7.17 -19.56
CA ALA A 293 13.06 -7.15 -18.09
C ALA A 293 14.01 -8.21 -17.58
N PRO A 294 14.85 -7.88 -16.62
CA PRO A 294 15.87 -8.84 -16.12
C PRO A 294 15.25 -9.89 -15.24
N SER A 295 16.02 -10.93 -14.97
N SER A 295 15.93 -11.01 -15.05
CA SER A 295 15.72 -11.88 -13.92
CA SER A 295 15.65 -11.91 -13.94
C SER A 295 15.86 -11.21 -12.56
C SER A 295 15.83 -11.22 -12.59
N VAL A 296 15.01 -11.59 -11.64
CA VAL A 296 15.12 -11.18 -10.23
C VAL A 296 15.19 -12.44 -9.39
N ASP A 297 16.12 -12.45 -8.42
N ASP A 297 16.01 -12.41 -8.33
CA ASP A 297 16.16 -13.70 -7.62
CA ASP A 297 16.23 -13.47 -7.36
C ASP A 297 15.02 -13.67 -6.62
C ASP A 297 15.09 -13.57 -6.37
N ILE A 298 14.72 -14.84 -6.11
CA ILE A 298 13.65 -15.05 -5.16
C ILE A 298 14.15 -15.64 -3.86
N ALA A 299 15.44 -15.82 -3.68
CA ALA A 299 15.93 -16.46 -2.46
C ALA A 299 15.79 -15.60 -1.25
N ASN A 300 15.81 -16.23 -0.08
N ASN A 300 15.79 -16.23 -0.07
CA ASN A 300 15.98 -15.58 1.20
CA ASN A 300 15.74 -15.40 1.13
C ASN A 300 17.14 -14.58 1.12
C ASN A 300 17.07 -14.65 1.25
N ILE A 301 16.94 -13.47 1.82
CA ILE A 301 17.89 -12.41 1.95
C ILE A 301 18.46 -12.51 3.36
N ARG A 302 19.75 -12.71 3.47
CA ARG A 302 20.36 -12.88 4.80
C ARG A 302 21.35 -11.76 5.06
N MET A 303 21.40 -11.30 6.30
CA MET A 303 22.45 -10.33 6.73
C MET A 303 23.81 -10.94 6.46
N PRO A 304 24.80 -10.13 6.03
CA PRO A 304 26.07 -10.71 5.71
C PRO A 304 26.86 -11.22 6.89
N SER A 305 26.51 -10.87 8.10
CA SER A 305 27.16 -11.29 9.35
C SER A 305 26.15 -11.10 10.49
N LEU A 306 26.43 -11.70 11.64
CA LEU A 306 25.68 -11.45 12.82
C LEU A 306 25.78 -9.97 13.21
N PRO A 307 24.88 -9.52 14.08
CA PRO A 307 25.05 -8.19 14.63
C PRO A 307 26.39 -8.08 15.36
N SER A 308 26.88 -6.84 15.35
CA SER A 308 28.16 -6.55 16.00
C SER A 308 28.08 -5.51 17.11
N TYR A 309 26.99 -5.52 17.85
N TYR A 309 26.96 -5.39 17.79
CA TYR A 309 26.85 -4.65 18.98
CA TYR A 309 26.58 -4.65 18.96
C TYR A 309 27.65 -5.24 20.14
C TYR A 309 27.07 -5.28 20.27
N LYS A 310 27.62 -4.51 21.21
CA LYS A 310 28.16 -4.97 22.47
C LYS A 310 27.15 -4.75 23.61
N VAL A 311 26.90 -5.81 24.37
CA VAL A 311 26.02 -5.69 25.52
C VAL A 311 26.48 -4.56 26.42
N GLY A 312 25.55 -3.70 26.79
CA GLY A 312 25.83 -2.51 27.59
C GLY A 312 26.06 -1.24 26.86
N ASP A 313 26.39 -1.31 25.58
CA ASP A 313 26.49 -0.09 24.81
C ASP A 313 25.10 0.45 24.59
N LYS A 314 25.03 1.75 24.35
CA LYS A 314 23.73 2.43 24.23
C LYS A 314 23.52 2.83 22.77
N ILE A 315 22.38 2.48 22.18
CA ILE A 315 22.02 2.93 20.85
C ILE A 315 20.49 2.99 20.76
N ALA A 316 19.98 4.00 20.08
CA ALA A 316 18.54 4.07 19.82
C ALA A 316 18.16 3.08 18.76
N THR A 317 16.98 2.48 18.90
CA THR A 317 16.58 1.53 17.84
C THR A 317 16.35 2.24 16.52
N ARG A 318 16.03 3.54 16.49
CA ARG A 318 15.94 4.21 15.20
C ARG A 318 17.26 4.16 14.46
N LYS A 319 18.39 4.39 15.16
N LYS A 319 18.37 4.32 15.22
CA LYS A 319 19.70 4.34 14.50
CA LYS A 319 19.68 4.36 14.55
C LYS A 319 20.01 2.91 14.09
C LYS A 319 20.12 2.95 14.18
N ALA A 320 19.78 1.96 15.01
CA ALA A 320 20.03 0.55 14.67
C ALA A 320 19.28 0.16 13.40
N TYR A 321 18.06 0.71 13.23
CA TYR A 321 17.34 0.41 11.99
C TYR A 321 18.11 0.84 10.77
N GLY A 322 18.58 2.11 10.77
CA GLY A 322 19.31 2.54 9.58
C GLY A 322 20.57 1.74 9.35
N GLN A 323 21.28 1.42 10.41
CA GLN A 323 22.47 0.59 10.29
C GLN A 323 22.15 -0.77 9.71
N ALA A 324 21.08 -1.39 10.21
CA ALA A 324 20.71 -2.72 9.79
C ALA A 324 20.22 -2.73 8.34
N LEU A 325 19.48 -1.70 7.97
CA LEU A 325 18.96 -1.64 6.60
C LEU A 325 20.12 -1.46 5.61
N ALA A 326 21.05 -0.58 5.92
CA ALA A 326 22.23 -0.43 5.07
C ALA A 326 23.00 -1.73 4.97
N LYS A 327 23.15 -2.42 6.08
CA LYS A 327 23.86 -3.70 6.08
C LYS A 327 23.19 -4.70 5.19
N LEU A 328 21.84 -4.78 5.33
N LEU A 328 21.87 -4.84 5.29
CA LEU A 328 21.12 -5.73 4.51
CA LEU A 328 20.93 -5.60 4.49
C LEU A 328 21.19 -5.40 3.01
C LEU A 328 21.14 -5.39 2.99
N GLY A 329 21.27 -4.10 2.70
CA GLY A 329 21.43 -3.69 1.31
C GLY A 329 22.70 -4.18 0.66
N HIS A 330 23.72 -4.48 1.41
CA HIS A 330 24.93 -5.10 0.86
C HIS A 330 24.76 -6.55 0.51
N ALA A 331 23.74 -7.21 1.10
CA ALA A 331 23.52 -8.61 0.80
C ALA A 331 22.63 -8.88 -0.38
N SER A 332 21.82 -7.85 -0.68
CA SER A 332 20.93 -8.08 -1.82
C SER A 332 20.54 -6.79 -2.54
N ASP A 333 20.60 -6.83 -3.87
CA ASP A 333 20.19 -5.68 -4.65
C ASP A 333 18.70 -5.46 -4.75
N ARG A 334 17.92 -6.38 -4.30
CA ARG A 334 16.48 -6.29 -4.19
C ARG A 334 15.99 -5.27 -3.17
N ILE A 335 16.77 -4.97 -2.14
CA ILE A 335 16.35 -4.07 -1.09
C ILE A 335 16.37 -2.66 -1.63
N ILE A 336 15.25 -1.95 -1.44
CA ILE A 336 15.18 -0.53 -1.72
C ILE A 336 14.63 0.16 -0.49
N ALA A 337 14.93 1.44 -0.37
CA ALA A 337 14.52 2.24 0.78
C ALA A 337 13.81 3.49 0.28
N LEU A 338 12.75 3.88 0.98
CA LEU A 338 11.98 5.07 0.69
C LEU A 338 11.79 5.82 1.98
N ASP A 339 11.77 7.15 1.93
CA ASP A 339 11.58 7.94 3.14
C ASP A 339 10.97 9.28 2.75
N GLY A 340 10.19 9.87 3.66
CA GLY A 340 9.47 11.10 3.42
C GLY A 340 10.08 12.32 4.08
N ASP A 341 11.26 12.74 3.59
CA ASP A 341 11.98 13.90 4.10
C ASP A 341 12.32 13.77 5.59
N THR A 342 12.47 12.57 6.09
CA THR A 342 12.81 12.32 7.47
C THR A 342 14.06 11.46 7.64
N LYS A 343 14.87 11.30 6.57
CA LYS A 343 15.98 10.34 6.59
C LYS A 343 17.02 10.62 7.65
N ASN A 344 17.24 11.87 8.04
N ASN A 344 17.14 11.86 8.09
CA ASN A 344 18.20 12.15 9.09
CA ASN A 344 18.13 12.28 9.08
C ASN A 344 17.63 11.77 10.47
C ASN A 344 17.58 12.08 10.51
N SER A 345 16.32 11.69 10.64
CA SER A 345 15.68 11.36 11.92
C SER A 345 15.33 9.89 12.04
N THR A 346 15.01 9.22 10.93
CA THR A 346 14.79 7.77 10.93
C THR A 346 16.05 6.96 10.75
N PHE A 347 17.11 7.63 10.29
CA PHE A 347 18.39 7.05 9.94
C PHE A 347 18.40 6.22 8.69
N SER A 348 17.36 6.32 7.85
CA SER A 348 17.44 5.77 6.52
C SER A 348 18.51 6.46 5.68
N GLU A 349 19.00 7.61 6.12
CA GLU A 349 20.12 8.27 5.45
C GLU A 349 21.34 7.37 5.35
N ILE A 350 21.50 6.43 6.29
CA ILE A 350 22.67 5.54 6.22
C ILE A 350 22.57 4.67 4.99
N PHE A 351 21.38 4.15 4.69
CA PHE A 351 21.18 3.41 3.45
C PHE A 351 21.41 4.29 2.24
N LYS A 352 20.91 5.52 2.26
CA LYS A 352 21.14 6.39 1.12
C LYS A 352 22.62 6.58 0.86
N LYS A 353 23.39 6.75 1.92
CA LYS A 353 24.84 6.97 1.75
C LYS A 353 25.49 5.79 1.07
N GLU A 354 25.13 4.58 1.47
CA GLU A 354 25.78 3.39 0.97
C GLU A 354 25.23 2.89 -0.35
N HIS A 355 23.94 3.08 -0.60
CA HIS A 355 23.24 2.52 -1.72
C HIS A 355 22.36 3.58 -2.39
N PRO A 356 22.92 4.68 -2.83
CA PRO A 356 22.10 5.81 -3.29
C PRO A 356 21.18 5.44 -4.44
N ASP A 357 21.58 4.55 -5.33
CA ASP A 357 20.77 4.22 -6.46
C ASP A 357 19.48 3.48 -6.08
N ARG A 358 19.40 2.98 -4.87
CA ARG A 358 18.25 2.22 -4.39
C ARG A 358 17.50 2.93 -3.29
N PHE A 359 17.75 4.21 -3.10
CA PHE A 359 17.00 5.06 -2.16
C PHE A 359 16.08 5.97 -2.99
N ILE A 360 14.84 6.09 -2.55
CA ILE A 360 13.85 6.95 -3.18
C ILE A 360 13.39 8.00 -2.18
N GLU A 361 13.80 9.24 -2.39
CA GLU A 361 13.31 10.36 -1.60
C GLU A 361 11.87 10.64 -2.02
N CYS A 362 10.92 10.50 -1.12
CA CYS A 362 9.53 10.72 -1.42
C CYS A 362 8.98 12.05 -0.93
N TYR A 363 9.78 12.84 -0.24
CA TYR A 363 9.38 14.16 0.21
C TYR A 363 8.22 14.06 1.22
N ILE A 364 7.61 15.16 1.57
CA ILE A 364 6.62 15.17 2.67
C ILE A 364 5.26 14.78 2.10
N ALA A 365 5.11 13.45 1.88
CA ALA A 365 4.00 12.90 1.09
C ALA A 365 3.90 11.41 1.41
N GLU A 366 3.43 11.13 2.63
CA GLU A 366 3.42 9.75 3.15
C GLU A 366 2.44 8.85 2.38
N GLN A 367 1.29 9.39 1.99
N GLN A 367 1.28 9.35 1.98
CA GLN A 367 0.38 8.58 1.19
CA GLN A 367 0.32 8.56 1.20
C GLN A 367 1.09 8.02 -0.04
C GLN A 367 0.98 8.08 -0.08
N ASN A 368 1.64 8.96 -0.80
CA ASN A 368 2.28 8.54 -2.04
C ASN A 368 3.44 7.61 -1.73
N MET A 369 4.21 7.85 -0.69
CA MET A 369 5.34 6.98 -0.41
C MET A 369 4.88 5.51 -0.29
N VAL A 370 3.82 5.28 0.47
CA VAL A 370 3.33 3.90 0.61
C VAL A 370 2.92 3.35 -0.73
N SER A 371 2.20 4.13 -1.55
CA SER A 371 1.81 3.65 -2.85
C SER A 371 2.99 3.37 -3.77
N ILE A 372 4.04 4.20 -3.73
CA ILE A 372 5.25 3.93 -4.50
C ILE A 372 5.82 2.58 -4.07
N ALA A 373 5.91 2.31 -2.79
CA ALA A 373 6.42 1.05 -2.30
C ALA A 373 5.58 -0.12 -2.80
N VAL A 374 4.24 0.01 -2.71
CA VAL A 374 3.38 -1.03 -3.22
C VAL A 374 3.66 -1.29 -4.70
N GLY A 375 3.76 -0.23 -5.50
CA GLY A 375 4.04 -0.41 -6.90
C GLY A 375 5.40 -1.06 -7.16
N CYS A 376 6.43 -0.68 -6.41
CA CYS A 376 7.75 -1.28 -6.55
C CYS A 376 7.77 -2.75 -6.20
N ALA A 377 6.92 -3.18 -5.26
CA ALA A 377 6.85 -4.58 -4.84
C ALA A 377 6.05 -5.42 -5.81
N THR A 378 5.24 -4.84 -6.67
CA THR A 378 4.44 -5.66 -7.56
C THR A 378 5.37 -6.51 -8.43
N ARG A 379 4.84 -7.71 -8.75
CA ARG A 379 5.57 -8.71 -9.53
C ARG A 379 6.89 -9.05 -8.88
N ASN A 380 7.04 -8.83 -7.56
CA ASN A 380 8.20 -9.17 -6.81
C ASN A 380 9.45 -8.51 -7.35
N ARG A 381 9.35 -7.32 -7.92
CA ARG A 381 10.54 -6.72 -8.56
C ARG A 381 11.55 -6.20 -7.55
N THR A 382 11.09 -5.74 -6.37
CA THR A 382 11.93 -5.22 -5.32
C THR A 382 11.35 -5.60 -3.96
N VAL A 383 12.15 -5.38 -2.93
CA VAL A 383 11.76 -5.58 -1.52
C VAL A 383 11.89 -4.23 -0.82
N PRO A 384 10.82 -3.46 -0.79
N PRO A 384 10.78 -3.50 -0.70
CA PRO A 384 10.83 -2.10 -0.24
CA PRO A 384 10.92 -2.11 -0.24
C PRO A 384 10.75 -1.99 1.28
C PRO A 384 10.71 -1.93 1.26
N PHE A 385 11.51 -1.03 1.80
CA PHE A 385 11.43 -0.55 3.17
C PHE A 385 11.17 0.94 3.18
N CYS A 386 9.97 1.33 3.60
N CYS A 386 10.02 1.30 3.70
N CYS A 386 9.98 1.35 3.61
CA CYS A 386 9.57 2.71 3.79
CA CYS A 386 9.72 2.74 3.68
CA CYS A 386 9.68 2.79 3.68
C CYS A 386 9.85 3.15 5.22
C CYS A 386 9.55 3.26 5.10
C CYS A 386 9.63 3.22 5.14
N SER A 387 10.14 4.43 5.38
CA SER A 387 10.27 4.96 6.71
C SER A 387 9.83 6.40 6.82
N THR A 388 9.31 6.69 7.99
CA THR A 388 8.98 8.01 8.49
C THR A 388 8.75 7.86 9.99
N PHE A 389 8.24 8.90 10.64
CA PHE A 389 7.79 8.75 12.02
C PHE A 389 6.55 7.88 12.02
N ALA A 390 6.42 6.97 13.01
CA ALA A 390 5.22 6.15 13.05
C ALA A 390 3.96 6.99 13.10
N ALA A 391 3.99 8.15 13.76
CA ALA A 391 2.79 9.00 13.82
C ALA A 391 2.33 9.36 12.44
N PHE A 392 3.25 9.59 11.49
CA PHE A 392 2.87 10.05 10.16
C PHE A 392 2.48 8.92 9.26
N PHE A 393 2.67 7.65 9.66
CA PHE A 393 2.02 6.58 8.92
C PHE A 393 0.50 6.64 9.07
N THR A 394 -0.03 7.32 10.10
CA THR A 394 -1.49 7.49 10.14
C THR A 394 -1.99 8.26 8.93
N ARG A 395 -1.16 9.08 8.32
N ARG A 395 -1.20 9.13 8.32
CA ARG A 395 -1.50 9.84 7.10
CA ARG A 395 -1.61 9.83 7.10
C ARG A 395 -1.72 8.94 5.92
C ARG A 395 -1.88 8.86 5.96
N ALA A 396 -1.20 7.73 5.98
CA ALA A 396 -1.23 6.76 4.90
C ALA A 396 -2.03 5.52 5.25
N PHE A 397 -2.90 5.57 6.28
CA PHE A 397 -3.59 4.36 6.69
C PHE A 397 -4.42 3.76 5.57
N ASP A 398 -5.13 4.57 4.75
CA ASP A 398 -5.94 3.98 3.68
C ASP A 398 -5.04 3.28 2.66
N GLN A 399 -3.87 3.87 2.37
CA GLN A 399 -2.92 3.20 1.45
C GLN A 399 -2.43 1.88 2.06
N ILE A 400 -2.18 1.84 3.34
CA ILE A 400 -1.76 0.63 4.03
C ILE A 400 -2.86 -0.43 4.02
N ARG A 401 -4.08 0.02 4.32
CA ARG A 401 -5.28 -0.83 4.29
C ARG A 401 -5.44 -1.46 2.92
N MET A 402 -5.35 -0.63 1.88
CA MET A 402 -5.44 -1.10 0.51
C MET A 402 -4.24 -1.97 0.13
N ALA A 403 -3.10 -1.75 0.71
CA ALA A 403 -1.92 -2.58 0.44
C ALA A 403 -2.18 -4.02 0.88
N ALA A 404 -2.87 -4.20 2.02
CA ALA A 404 -3.25 -5.55 2.45
C ALA A 404 -4.28 -6.15 1.53
N ILE A 405 -5.24 -5.38 1.07
CA ILE A 405 -6.23 -5.86 0.08
C ILE A 405 -5.51 -6.24 -1.23
N SER A 406 -4.41 -5.56 -1.51
CA SER A 406 -3.55 -5.80 -2.66
C SER A 406 -2.57 -6.96 -2.44
N GLU A 407 -2.63 -7.61 -1.28
CA GLU A 407 -1.72 -8.72 -0.95
C GLU A 407 -0.28 -8.30 -1.14
N SER A 408 0.06 -7.05 -0.79
N SER A 408 0.01 -7.06 -0.78
CA SER A 408 1.38 -6.49 -1.02
CA SER A 408 1.33 -6.46 -0.92
C SER A 408 2.33 -6.90 0.06
C SER A 408 2.34 -6.97 0.10
N ASN A 409 3.58 -7.10 -0.36
CA ASN A 409 4.71 -7.36 0.55
C ASN A 409 5.58 -6.12 0.66
N ILE A 410 5.22 -5.23 1.60
CA ILE A 410 5.99 -4.03 1.85
C ILE A 410 6.39 -4.02 3.32
N ASN A 411 7.45 -3.31 3.62
CA ASN A 411 8.00 -3.17 4.96
C ASN A 411 7.99 -1.71 5.32
N LEU A 412 7.47 -1.41 6.48
N LEU A 412 7.50 -1.40 6.49
CA LEU A 412 7.27 -0.04 6.97
CA LEU A 412 7.34 -0.04 6.99
C LEU A 412 8.02 0.07 8.31
C LEU A 412 8.00 0.11 8.34
N CYS A 413 8.85 1.06 8.48
CA CYS A 413 9.52 1.31 9.75
C CYS A 413 9.13 2.70 10.21
N GLY A 414 8.45 2.76 11.34
CA GLY A 414 8.00 4.00 11.91
C GLY A 414 8.77 4.33 13.19
N SER A 415 9.45 5.46 13.20
N SER A 415 9.29 5.56 13.19
CA SER A 415 10.23 5.89 14.33
CA SER A 415 10.15 6.11 14.19
C SER A 415 9.48 6.74 15.30
C SER A 415 9.47 7.04 15.20
N HIS A 416 10.16 7.20 16.35
CA HIS A 416 9.63 8.29 17.19
C HIS A 416 8.34 7.83 17.89
N CYS A 417 8.32 6.56 18.31
CA CYS A 417 7.11 6.08 18.97
C CYS A 417 7.02 6.63 20.39
N GLY A 418 5.80 6.88 20.83
CA GLY A 418 5.52 7.15 22.19
C GLY A 418 5.91 8.52 22.71
N VAL A 419 5.62 8.73 24.00
CA VAL A 419 6.00 9.95 24.68
C VAL A 419 7.51 10.07 24.88
N SER A 420 8.23 8.96 24.73
CA SER A 420 9.67 9.00 25.02
C SER A 420 10.46 9.86 24.04
N ILE A 421 9.85 10.36 22.97
CA ILE A 421 10.56 11.32 22.13
C ILE A 421 10.79 12.62 22.87
N GLY A 422 10.01 12.95 23.90
CA GLY A 422 10.20 14.16 24.63
C GLY A 422 9.63 15.43 24.01
N GLU A 423 10.53 16.36 23.68
CA GLU A 423 10.15 17.76 23.59
C GLU A 423 9.34 18.16 22.38
N ASP A 424 9.35 17.41 21.29
CA ASP A 424 8.51 17.81 20.15
C ASP A 424 7.02 17.83 20.48
N GLY A 425 6.58 17.01 21.44
CA GLY A 425 5.18 16.96 21.77
C GLY A 425 4.36 16.00 20.92
N PRO A 426 3.02 15.98 21.17
CA PRO A 426 2.17 14.87 20.72
C PRO A 426 2.01 14.76 19.21
N SER A 427 2.14 15.85 18.47
N SER A 427 2.14 15.86 18.47
CA SER A 427 1.99 15.75 17.04
CA SER A 427 2.07 15.79 17.03
C SER A 427 2.96 14.74 16.40
C SER A 427 3.08 14.79 16.48
N GLN A 428 4.13 14.57 16.99
N GLN A 428 4.20 14.58 17.16
CA GLN A 428 5.19 13.66 16.56
CA GLN A 428 5.22 13.69 16.61
C GLN A 428 5.16 12.28 17.23
C GLN A 428 5.26 12.35 17.34
N MET A 429 4.34 12.11 18.27
CA MET A 429 4.35 10.91 19.10
C MET A 429 3.39 9.87 18.55
N ALA A 430 3.92 8.69 18.20
CA ALA A 430 3.06 7.60 17.75
C ALA A 430 2.50 6.88 18.98
N LEU A 431 1.20 6.97 19.14
CA LEU A 431 0.49 6.39 20.30
C LEU A 431 -0.66 5.51 19.90
N GLU A 432 -0.87 5.33 18.60
CA GLU A 432 -1.96 4.63 17.99
C GLU A 432 -1.48 3.70 16.87
N ASP A 433 -0.18 3.62 16.65
CA ASP A 433 0.38 2.87 15.57
C ASP A 433 0.24 1.36 15.78
N LEU A 434 0.31 0.89 17.01
CA LEU A 434 0.07 -0.55 17.24
C LEU A 434 -1.38 -0.88 16.94
N ALA A 435 -2.30 -0.03 17.39
CA ALA A 435 -3.69 -0.25 17.06
C ALA A 435 -3.88 -0.33 15.56
N MET A 436 -3.29 0.68 14.87
N MET A 436 -3.32 0.63 14.81
CA MET A 436 -3.43 0.80 13.43
CA MET A 436 -3.51 0.69 13.36
C MET A 436 -2.90 -0.45 12.75
C MET A 436 -2.89 -0.50 12.67
N PHE A 437 -1.61 -0.78 12.97
CA PHE A 437 -0.99 -1.88 12.24
C PHE A 437 -1.55 -3.22 12.66
N ARG A 438 -1.93 -3.42 13.92
CA ARG A 438 -2.53 -4.70 14.31
C ARG A 438 -3.83 -4.96 13.57
N SER A 439 -4.57 -3.91 13.21
CA SER A 439 -5.82 -4.05 12.51
C SER A 439 -5.66 -4.35 11.03
N VAL A 440 -4.46 -4.32 10.50
CA VAL A 440 -4.20 -4.63 9.11
C VAL A 440 -4.04 -6.15 8.97
N PRO A 441 -4.91 -6.75 8.13
N PRO A 441 -4.89 -6.87 8.25
CA PRO A 441 -4.72 -8.16 7.76
CA PRO A 441 -5.03 -8.31 8.48
C PRO A 441 -3.35 -8.32 7.10
C PRO A 441 -3.79 -9.11 8.08
N THR A 442 -2.72 -9.44 7.39
N THR A 442 -2.98 -8.58 7.20
CA THR A 442 -1.42 -9.86 6.92
CA THR A 442 -1.78 -9.32 6.76
C THR A 442 -0.32 -9.13 7.69
C THR A 442 -0.54 -8.89 7.49
N SER A 443 -0.64 -8.19 8.61
CA SER A 443 0.50 -7.54 9.21
C SER A 443 1.27 -8.46 10.19
N THR A 444 2.56 -8.13 10.30
CA THR A 444 3.46 -8.60 11.33
C THR A 444 4.00 -7.35 11.97
N VAL A 445 3.93 -7.24 13.30
CA VAL A 445 4.31 -6.08 14.03
C VAL A 445 5.50 -6.37 14.90
N PHE A 446 6.65 -5.83 14.55
CA PHE A 446 7.89 -5.96 15.32
C PHE A 446 8.08 -4.74 16.20
N TYR A 447 8.47 -4.96 17.44
CA TYR A 447 8.75 -3.85 18.35
C TYR A 447 10.08 -4.19 19.02
N PRO A 448 11.18 -3.92 18.32
CA PRO A 448 12.49 -4.31 18.85
C PRO A 448 12.84 -3.41 20.02
N SER A 449 13.50 -4.03 21.05
CA SER A 449 13.81 -3.30 22.24
C SER A 449 15.26 -2.87 22.37
N ASP A 450 16.15 -3.38 21.53
CA ASP A 450 17.53 -2.95 21.50
C ASP A 450 18.04 -3.07 20.06
N GLY A 451 19.29 -2.70 19.87
CA GLY A 451 19.87 -2.72 18.53
C GLY A 451 19.96 -4.09 17.90
N VAL A 452 20.29 -5.11 18.71
CA VAL A 452 20.33 -6.47 18.21
C VAL A 452 18.99 -6.91 17.69
N ALA A 453 17.96 -6.75 18.52
CA ALA A 453 16.60 -7.11 18.10
C ALA A 453 16.17 -6.34 16.86
N THR A 454 16.63 -5.10 16.74
CA THR A 454 16.26 -4.30 15.57
C THR A 454 16.84 -4.90 14.30
N GLU A 455 18.16 -5.25 14.34
CA GLU A 455 18.77 -5.86 13.18
C GLU A 455 18.07 -7.15 12.82
N LYS A 456 17.77 -7.97 13.83
CA LYS A 456 17.07 -9.21 13.54
C LYS A 456 15.68 -8.97 12.96
N ALA A 457 14.96 -7.96 13.45
CA ALA A 457 13.67 -7.63 12.91
C ALA A 457 13.73 -7.19 11.45
N VAL A 458 14.75 -6.39 11.10
CA VAL A 458 14.90 -5.99 9.69
C VAL A 458 15.08 -7.19 8.80
N GLU A 459 15.97 -8.13 9.22
CA GLU A 459 16.21 -9.31 8.42
C GLU A 459 14.95 -10.18 8.30
N LEU A 460 14.26 -10.43 9.43
CA LEU A 460 13.06 -11.21 9.40
C LEU A 460 12.00 -10.54 8.51
N ALA A 461 11.80 -9.23 8.66
CA ALA A 461 10.79 -8.53 7.88
C ALA A 461 11.08 -8.73 6.40
N ALA A 462 12.34 -8.61 5.99
CA ALA A 462 12.67 -8.73 4.57
C ALA A 462 12.18 -10.02 3.98
N ASN A 463 12.17 -11.09 4.77
CA ASN A 463 11.82 -12.40 4.36
C ASN A 463 10.41 -12.83 4.73
N THR A 464 9.58 -11.91 5.20
CA THR A 464 8.21 -12.18 5.66
C THR A 464 7.23 -11.53 4.69
N LYS A 465 6.23 -12.29 4.25
CA LYS A 465 5.17 -11.77 3.40
C LYS A 465 4.25 -10.88 4.19
N GLY A 466 3.50 -10.03 3.49
CA GLY A 466 2.48 -9.19 4.08
C GLY A 466 3.01 -7.81 4.46
N ILE A 467 2.22 -7.12 5.28
N ILE A 467 2.25 -7.13 5.32
CA ILE A 467 2.54 -5.78 5.72
CA ILE A 467 2.70 -5.77 5.64
C ILE A 467 3.40 -5.88 6.98
C ILE A 467 3.39 -5.80 7.00
N CYS A 468 4.71 -5.70 6.89
CA CYS A 468 5.59 -5.76 8.04
C CYS A 468 5.80 -4.35 8.59
N PHE A 469 5.60 -4.16 9.89
CA PHE A 469 5.81 -2.90 10.55
C PHE A 469 6.88 -3.08 11.63
N ILE A 470 7.86 -2.20 11.67
CA ILE A 470 8.89 -2.16 12.70
C ILE A 470 8.79 -0.83 13.42
N ARG A 471 8.51 -0.89 14.72
CA ARG A 471 8.34 0.28 15.57
C ARG A 471 9.68 0.64 16.22
N THR A 472 10.27 1.78 15.85
CA THR A 472 11.54 2.20 16.42
C THR A 472 11.34 3.40 17.34
N SER A 473 12.38 3.64 18.13
CA SER A 473 12.33 4.53 19.27
C SER A 473 13.52 5.51 19.24
N ARG A 474 13.28 6.65 19.90
CA ARG A 474 14.25 7.73 19.92
C ARG A 474 15.29 7.62 21.05
N PRO A 475 14.95 7.23 22.26
CA PRO A 475 15.99 7.17 23.34
C PRO A 475 17.07 6.14 23.04
N GLU A 476 18.29 6.51 23.36
N GLU A 476 18.27 6.35 23.59
CA GLU A 476 19.34 5.49 23.39
CA GLU A 476 19.44 5.49 23.54
C GLU A 476 19.07 4.56 24.58
C GLU A 476 19.52 4.49 24.69
N ASN A 477 19.08 3.25 24.33
N ASN A 477 18.79 3.38 24.55
CA ASN A 477 18.90 2.28 25.40
CA ASN A 477 18.86 2.37 25.61
C ASN A 477 20.02 1.23 25.26
C ASN A 477 20.03 1.41 25.38
N ALA A 478 20.28 0.59 26.37
CA ALA A 478 21.33 -0.41 26.40
C ALA A 478 21.01 -1.61 25.50
N ILE A 479 22.10 -2.14 24.88
CA ILE A 479 22.05 -3.46 24.30
C ILE A 479 21.95 -4.45 25.42
N ILE A 480 20.95 -5.31 25.35
CA ILE A 480 20.73 -6.35 26.35
C ILE A 480 20.92 -7.76 25.78
N TYR A 481 20.83 -7.96 24.48
CA TYR A 481 20.93 -9.27 23.86
C TYR A 481 22.34 -9.53 23.33
N ASN A 482 22.78 -10.79 23.51
CA ASN A 482 23.98 -11.23 22.80
C ASN A 482 23.74 -11.15 21.30
N ASN A 483 24.82 -10.95 20.52
N ASN A 483 24.76 -10.89 20.48
CA ASN A 483 24.70 -10.85 19.07
CA ASN A 483 24.33 -10.66 19.09
C ASN A 483 24.21 -12.10 18.42
C ASN A 483 23.92 -11.95 18.40
N ASN A 484 24.57 -13.27 19.03
N ASN A 484 24.15 -13.10 19.03
CA ASN A 484 24.05 -14.52 18.52
CA ASN A 484 23.96 -14.43 18.51
C ASN A 484 22.73 -15.00 19.09
C ASN A 484 22.67 -15.04 19.07
N GLU A 485 21.96 -14.16 19.77
CA GLU A 485 20.62 -14.55 20.22
C GLU A 485 19.72 -14.84 19.03
N ASP A 486 19.03 -15.96 19.00
CA ASP A 486 18.15 -16.31 17.90
C ASP A 486 16.81 -15.63 18.06
N PHE A 487 16.30 -15.01 17.02
CA PHE A 487 15.01 -14.30 17.04
C PHE A 487 14.12 -14.90 15.95
N GLN A 488 12.82 -14.97 16.24
N GLN A 488 12.83 -15.06 16.27
CA GLN A 488 11.83 -15.49 15.35
CA GLN A 488 11.93 -15.46 15.21
C GLN A 488 10.56 -14.69 15.50
C GLN A 488 10.58 -14.84 15.46
N VAL A 489 9.81 -14.60 14.40
CA VAL A 489 8.47 -14.04 14.44
C VAL A 489 7.65 -14.89 15.41
N GLY A 490 6.91 -14.31 16.29
CA GLY A 490 6.03 -14.93 17.24
C GLY A 490 6.76 -15.53 18.45
N GLN A 491 8.02 -15.24 18.64
CA GLN A 491 8.77 -15.75 19.78
C GLN A 491 9.24 -14.58 20.63
N ALA A 492 8.73 -14.54 21.89
CA ALA A 492 9.13 -13.55 22.89
C ALA A 492 10.41 -14.01 23.59
N LYS A 493 10.92 -13.15 24.44
CA LYS A 493 12.09 -13.45 25.25
C LYS A 493 11.84 -13.09 26.70
N VAL A 494 12.23 -13.99 27.61
CA VAL A 494 12.29 -13.66 29.03
C VAL A 494 13.67 -13.09 29.30
N VAL A 495 13.73 -11.81 29.64
CA VAL A 495 14.98 -11.14 29.81
C VAL A 495 15.41 -11.07 31.28
N LEU A 496 14.52 -11.37 32.21
CA LEU A 496 14.87 -11.42 33.63
C LEU A 496 13.96 -12.43 34.29
N LYS A 497 14.51 -13.32 35.07
CA LYS A 497 13.72 -14.23 35.80
C LYS A 497 14.48 -14.73 37.04
N SER A 498 13.70 -15.22 37.97
CA SER A 498 14.17 -15.89 39.17
C SER A 498 13.12 -16.91 39.63
N LYS A 499 13.45 -17.73 40.63
CA LYS A 499 12.38 -18.71 40.89
C LYS A 499 11.30 -18.10 41.75
N ASP A 500 11.61 -16.98 42.41
CA ASP A 500 10.59 -16.34 43.24
C ASP A 500 9.88 -15.11 42.67
N ASP A 501 9.72 -15.06 41.35
CA ASP A 501 9.13 -13.89 40.72
C ASP A 501 7.66 -13.75 41.06
N GLN A 502 7.25 -12.51 41.29
N GLN A 502 7.22 -12.53 41.37
CA GLN A 502 5.93 -12.33 41.89
CA GLN A 502 5.89 -12.17 41.86
C GLN A 502 4.92 -11.73 40.92
C GLN A 502 4.89 -11.77 40.77
N VAL A 503 5.38 -11.57 39.68
N VAL A 503 5.40 -11.20 39.67
CA VAL A 503 4.55 -11.06 38.59
CA VAL A 503 4.59 -10.63 38.60
C VAL A 503 5.42 -10.99 37.34
C VAL A 503 5.42 -10.89 37.34
N THR A 504 4.76 -11.15 36.21
CA THR A 504 5.37 -11.11 34.88
C THR A 504 5.08 -9.74 34.29
N VAL A 505 6.12 -8.96 34.07
CA VAL A 505 6.01 -7.59 33.50
C VAL A 505 6.38 -7.68 32.03
N ILE A 506 5.45 -7.31 31.16
CA ILE A 506 5.65 -7.29 29.73
C ILE A 506 5.81 -5.85 29.33
N GLY A 507 6.99 -5.54 28.77
CA GLY A 507 7.29 -4.21 28.25
C GLY A 507 7.95 -4.35 26.89
N ALA A 508 8.16 -3.22 26.21
CA ALA A 508 8.75 -3.25 24.88
C ALA A 508 9.38 -1.89 24.67
N GLY A 509 10.43 -1.81 23.91
CA GLY A 509 11.14 -0.60 23.67
C GLY A 509 11.49 0.05 25.00
N VAL A 510 11.22 1.33 25.08
N VAL A 510 11.17 1.32 25.09
CA VAL A 510 11.59 2.05 26.32
CA VAL A 510 11.51 2.10 26.29
C VAL A 510 10.96 1.43 27.54
C VAL A 510 10.93 1.50 27.55
N THR A 511 9.74 0.89 27.45
CA THR A 511 9.14 0.34 28.67
C THR A 511 9.76 -0.97 29.10
N LEU A 512 10.41 -1.70 28.20
CA LEU A 512 11.20 -2.85 28.63
C LEU A 512 12.34 -2.38 29.54
N HIS A 513 13.03 -1.35 29.12
CA HIS A 513 14.13 -0.84 29.89
C HIS A 513 13.65 -0.21 31.21
N GLU A 514 12.45 0.43 31.19
CA GLU A 514 11.87 0.89 32.42
C GLU A 514 11.51 -0.31 33.33
N ALA A 515 11.03 -1.39 32.77
CA ALA A 515 10.73 -2.56 33.59
C ALA A 515 11.98 -3.14 34.21
N LEU A 516 13.07 -3.23 33.48
CA LEU A 516 14.35 -3.70 34.04
C LEU A 516 14.79 -2.77 35.17
N ALA A 517 14.61 -1.47 35.00
CA ALA A 517 14.99 -0.53 36.04
C ALA A 517 14.06 -0.69 37.24
N ALA A 518 12.79 -0.95 37.02
CA ALA A 518 11.83 -1.26 38.11
C ALA A 518 12.28 -2.51 38.85
N ALA A 519 12.75 -3.50 38.15
CA ALA A 519 13.21 -4.74 38.81
C ALA A 519 14.33 -4.41 39.77
N GLU A 520 15.27 -3.57 39.40
CA GLU A 520 16.34 -3.17 40.30
C GLU A 520 15.83 -2.38 41.52
N LEU A 521 14.85 -1.53 41.35
CA LEU A 521 14.23 -0.79 42.43
C LEU A 521 13.59 -1.77 43.41
N LEU A 522 12.90 -2.74 42.88
CA LEU A 522 12.12 -3.67 43.66
C LEU A 522 12.99 -4.63 44.42
N LYS A 523 14.14 -4.94 43.94
CA LYS A 523 15.13 -5.86 44.56
C LYS A 523 15.47 -5.34 45.95
N LYS A 524 15.47 -4.00 46.02
CA LYS A 524 15.73 -3.36 47.30
C LYS A 524 14.70 -3.80 48.35
N GLU A 525 13.50 -4.14 47.99
CA GLU A 525 12.34 -4.53 48.76
C GLU A 525 12.18 -6.04 48.78
N LYS A 526 13.19 -6.73 48.26
CA LYS A 526 13.08 -8.17 48.18
C LYS A 526 11.87 -8.65 47.37
N ILE A 527 11.54 -7.92 46.32
CA ILE A 527 10.55 -8.35 45.35
C ILE A 527 11.21 -8.60 44.01
N ASN A 528 11.10 -9.78 43.47
CA ASN A 528 11.54 -10.13 42.11
C ASN A 528 10.39 -10.16 41.12
N ILE A 529 10.68 -9.69 39.92
CA ILE A 529 9.73 -9.72 38.83
C ILE A 529 10.33 -10.38 37.61
N ARG A 530 9.50 -11.11 36.88
CA ARG A 530 9.86 -11.68 35.58
C ARG A 530 9.65 -10.61 34.52
N VAL A 531 10.58 -10.41 33.62
CA VAL A 531 10.39 -9.37 32.58
C VAL A 531 10.47 -10.04 31.23
N LEU A 532 9.46 -9.76 30.40
CA LEU A 532 9.26 -10.41 29.12
C LEU A 532 9.17 -9.34 28.04
N ASP A 533 9.96 -9.57 26.98
CA ASP A 533 10.05 -8.73 25.77
C ASP A 533 9.33 -9.44 24.64
N PRO A 534 8.17 -8.94 24.14
N PRO A 534 8.20 -8.91 24.19
CA PRO A 534 7.41 -9.70 23.13
CA PRO A 534 7.39 -9.66 23.20
C PRO A 534 8.14 -9.96 21.81
C PRO A 534 8.10 -9.89 21.86
N PHE A 535 8.94 -8.99 21.38
CA PHE A 535 9.61 -8.97 20.09
C PHE A 535 8.66 -8.68 18.96
N THR A 536 7.70 -9.56 18.74
CA THR A 536 6.55 -9.24 17.88
C THR A 536 5.33 -9.06 18.75
N ILE A 537 4.62 -7.97 18.49
CA ILE A 537 3.30 -7.73 19.10
C ILE A 537 2.24 -8.53 18.38
N LYS A 538 2.43 -8.74 17.08
CA LYS A 538 1.53 -9.52 16.24
C LYS A 538 2.43 -10.35 15.32
N PRO A 539 2.46 -11.66 15.41
CA PRO A 539 1.73 -12.49 16.37
C PRO A 539 2.40 -12.46 17.74
N LEU A 540 1.58 -12.65 18.77
N LEU A 540 1.60 -12.57 18.80
CA LEU A 540 2.04 -12.62 20.14
CA LEU A 540 2.08 -12.72 20.15
C LEU A 540 2.36 -14.01 20.68
C LEU A 540 2.52 -14.17 20.45
N ASP A 541 3.49 -14.21 21.36
CA ASP A 541 3.90 -15.49 21.93
C ASP A 541 3.03 -15.82 23.14
N ARG A 542 1.81 -16.26 22.88
CA ARG A 542 0.87 -16.56 23.96
C ARG A 542 1.42 -17.65 24.86
N LYS A 543 2.13 -18.64 24.32
CA LYS A 543 2.61 -19.74 25.16
C LYS A 543 3.59 -19.23 26.20
N LEU A 544 4.59 -18.43 25.79
CA LEU A 544 5.58 -17.99 26.74
C LEU A 544 4.95 -17.03 27.72
N ILE A 545 4.01 -16.20 27.28
CA ILE A 545 3.33 -15.33 28.22
C ILE A 545 2.59 -16.11 29.31
N LEU A 546 1.84 -17.13 28.90
CA LEU A 546 1.15 -17.88 29.95
C LEU A 546 2.07 -18.74 30.77
N ASP A 547 3.11 -19.32 30.16
CA ASP A 547 4.03 -20.12 30.98
C ASP A 547 4.66 -19.21 32.03
N SER A 548 4.99 -17.97 31.62
CA SER A 548 5.55 -16.99 32.52
C SER A 548 4.56 -16.64 33.64
N ALA A 549 3.34 -16.34 33.27
CA ALA A 549 2.33 -15.96 34.22
C ALA A 549 2.11 -17.10 35.23
N ARG A 550 2.11 -18.34 34.74
CA ARG A 550 1.96 -19.43 35.74
C ARG A 550 3.11 -19.57 36.71
N ALA A 551 4.27 -19.08 36.40
CA ALA A 551 5.41 -19.05 37.31
C ALA A 551 5.29 -17.85 38.24
N THR A 552 4.42 -16.87 38.01
CA THR A 552 4.37 -15.65 38.78
C THR A 552 2.94 -15.41 39.31
N LYS A 553 2.40 -16.48 39.90
CA LYS A 553 1.11 -16.45 40.57
C LYS A 553 -0.05 -15.99 39.70
N GLY A 554 0.12 -16.22 38.42
CA GLY A 554 -0.90 -15.85 37.45
C GLY A 554 -0.91 -14.42 36.99
N ARG A 555 -0.05 -13.59 37.59
CA ARG A 555 -0.11 -12.15 37.45
C ARG A 555 0.75 -11.63 36.30
N ILE A 556 0.09 -10.84 35.42
CA ILE A 556 0.72 -10.17 34.31
C ILE A 556 0.45 -8.69 34.45
N LEU A 557 1.51 -7.90 34.24
CA LEU A 557 1.41 -6.44 34.12
C LEU A 557 2.01 -6.05 32.76
N THR A 558 1.25 -5.31 31.98
N THR A 558 1.21 -5.41 31.90
CA THR A 558 1.77 -4.87 30.68
CA THR A 558 1.73 -4.91 30.63
C THR A 558 1.90 -3.35 30.69
C THR A 558 1.98 -3.40 30.80
N VAL A 559 3.05 -2.89 30.20
CA VAL A 559 3.39 -1.48 30.28
C VAL A 559 3.85 -1.05 28.89
N GLU A 560 3.22 -0.01 28.34
CA GLU A 560 3.47 0.35 26.93
C GLU A 560 3.40 1.87 26.74
N ASP A 561 4.28 2.35 25.84
CA ASP A 561 4.30 3.73 25.40
C ASP A 561 3.39 3.87 24.17
N HIS A 562 2.09 3.79 24.46
CA HIS A 562 1.01 3.72 23.47
C HIS A 562 -0.26 4.00 24.23
N TYR A 563 -1.33 4.38 23.54
CA TYR A 563 -2.65 4.49 24.15
C TYR A 563 -3.14 3.10 24.59
N TYR A 564 -4.19 3.12 25.44
CA TYR A 564 -4.72 1.85 25.96
C TYR A 564 -5.35 1.00 24.91
N GLU A 565 -6.03 1.56 23.93
CA GLU A 565 -6.81 0.79 22.99
C GLU A 565 -5.93 0.27 21.85
N GLY A 566 -6.04 -1.04 21.60
CA GLY A 566 -5.42 -1.64 20.42
C GLY A 566 -3.94 -1.96 20.53
N GLY A 567 -3.33 -1.76 21.67
CA GLY A 567 -1.89 -1.95 21.84
C GLY A 567 -1.57 -3.30 22.49
N ILE A 568 -0.41 -3.24 23.17
CA ILE A 568 0.13 -4.44 23.76
C ILE A 568 -0.79 -5.00 24.85
N GLY A 569 -1.25 -4.14 25.72
CA GLY A 569 -2.09 -4.59 26.82
C GLY A 569 -3.37 -5.25 26.32
N GLU A 570 -4.03 -4.67 25.32
CA GLU A 570 -5.21 -5.30 24.79
C GLU A 570 -4.88 -6.58 24.04
N ALA A 571 -3.78 -6.63 23.32
CA ALA A 571 -3.39 -7.87 22.66
C ALA A 571 -3.21 -8.99 23.68
N VAL A 572 -2.54 -8.67 24.77
CA VAL A 572 -2.30 -9.69 25.81
C VAL A 572 -3.58 -10.10 26.45
N SER A 573 -4.40 -9.14 26.83
CA SER A 573 -5.68 -9.45 27.44
C SER A 573 -6.53 -10.36 26.58
N SER A 574 -6.59 -10.05 25.30
N SER A 574 -6.65 -10.07 25.28
CA SER A 574 -7.40 -10.83 24.37
CA SER A 574 -7.53 -10.97 24.51
C SER A 574 -6.83 -12.24 24.25
C SER A 574 -6.83 -12.29 24.21
N ALA A 575 -5.50 -12.37 24.34
CA ALA A 575 -4.88 -13.68 24.20
C ALA A 575 -5.14 -14.56 25.38
N VAL A 576 -5.22 -14.01 26.59
CA VAL A 576 -5.27 -14.86 27.79
C VAL A 576 -6.61 -14.83 28.49
N VAL A 577 -7.58 -14.04 28.07
CA VAL A 577 -8.86 -13.89 28.80
C VAL A 577 -9.48 -15.26 29.01
N GLY A 578 -9.97 -15.54 30.22
CA GLY A 578 -10.60 -16.78 30.63
C GLY A 578 -9.66 -17.83 31.14
N GLU A 579 -8.33 -17.63 31.07
CA GLU A 579 -7.39 -18.66 31.49
C GLU A 579 -7.42 -18.69 33.01
N PRO A 580 -7.67 -19.83 33.63
CA PRO A 580 -7.84 -19.84 35.07
C PRO A 580 -6.60 -19.33 35.80
N GLY A 581 -6.91 -18.47 36.76
CA GLY A 581 -5.91 -17.96 37.65
C GLY A 581 -5.10 -16.78 37.07
N ILE A 582 -5.37 -16.41 35.82
CA ILE A 582 -4.57 -15.40 35.13
C ILE A 582 -5.25 -14.04 35.28
N THR A 583 -4.42 -13.08 35.69
CA THR A 583 -4.87 -11.72 35.73
C THR A 583 -3.94 -10.83 34.89
N VAL A 584 -4.51 -9.76 34.32
CA VAL A 584 -3.77 -8.80 33.53
C VAL A 584 -4.10 -7.41 34.02
N THR A 585 -3.06 -6.66 34.34
CA THR A 585 -3.11 -5.21 34.71
C THR A 585 -2.31 -4.42 33.70
N HIS A 586 -2.64 -3.17 33.46
N HIS A 586 -2.84 -3.26 33.33
CA HIS A 586 -2.21 -2.55 32.21
CA HIS A 586 -2.33 -2.46 32.21
C HIS A 586 -1.91 -1.09 32.51
C HIS A 586 -1.79 -1.15 32.74
N LEU A 587 -0.68 -0.73 32.19
CA LEU A 587 -0.20 0.64 32.27
C LEU A 587 0.06 1.13 30.81
N ALA A 588 -0.54 2.25 30.48
CA ALA A 588 -0.39 2.86 29.15
C ALA A 588 -0.62 4.34 29.30
N VAL A 589 -0.64 5.04 28.14
CA VAL A 589 -0.80 6.48 28.12
C VAL A 589 -2.27 6.81 27.98
N ASN A 590 -2.84 7.60 28.92
CA ASN A 590 -4.30 7.72 28.98
C ASN A 590 -4.90 8.91 28.24
N ARG A 591 -4.10 9.76 27.62
CA ARG A 591 -4.62 10.99 27.02
C ARG A 591 -3.54 11.61 26.15
N VAL A 592 -3.93 12.61 25.36
CA VAL A 592 -2.96 13.32 24.53
C VAL A 592 -1.83 13.88 25.40
N PRO A 593 -0.57 13.60 25.09
N PRO A 593 -0.59 13.62 25.04
CA PRO A 593 0.56 14.13 25.86
CA PRO A 593 0.50 14.09 25.92
C PRO A 593 0.88 15.58 25.52
C PRO A 593 0.86 15.55 25.66
N ARG A 594 2.12 15.94 25.91
CA ARG A 594 2.57 17.30 25.99
C ARG A 594 4.12 17.26 25.95
N SER A 595 4.76 18.43 25.86
CA SER A 595 6.21 18.47 25.77
C SER A 595 6.88 18.39 27.14
N GLY A 596 8.03 17.71 27.15
CA GLY A 596 8.91 17.69 28.30
C GLY A 596 10.07 16.77 27.98
N LYS A 597 10.97 16.57 28.94
CA LYS A 597 12.03 15.61 28.72
C LYS A 597 11.44 14.19 28.68
N PRO A 598 12.08 13.26 27.93
CA PRO A 598 11.57 11.88 27.86
C PRO A 598 11.25 11.28 29.24
N ALA A 599 12.20 11.40 30.21
CA ALA A 599 11.95 10.79 31.51
C ALA A 599 10.78 11.43 32.24
N GLU A 600 10.63 12.74 32.07
CA GLU A 600 9.55 13.47 32.71
C GLU A 600 8.21 13.01 32.16
N LEU A 601 8.12 12.79 30.84
CA LEU A 601 6.86 12.35 30.25
C LEU A 601 6.53 10.91 30.59
N LEU A 602 7.54 10.03 30.64
CA LEU A 602 7.28 8.67 31.09
C LEU A 602 6.68 8.66 32.48
N LYS A 603 7.18 9.58 33.34
CA LYS A 603 6.65 9.75 34.69
C LYS A 603 5.22 10.30 34.65
N MET A 604 5.02 11.40 33.95
CA MET A 604 3.69 12.06 33.90
C MET A 604 2.63 11.07 33.45
N PHE A 605 2.96 10.25 32.45
CA PHE A 605 1.96 9.38 31.85
C PHE A 605 1.98 7.96 32.42
N GLY A 606 2.75 7.75 33.50
CA GLY A 606 2.52 6.54 34.30
C GLY A 606 3.09 5.27 33.75
N ILE A 607 4.21 5.35 33.01
CA ILE A 607 4.77 4.17 32.37
C ILE A 607 6.27 4.04 32.61
N ASP A 608 6.78 4.71 33.62
N ASP A 608 6.77 4.73 33.62
CA ASP A 608 8.21 4.61 33.94
CA ASP A 608 8.17 4.69 34.04
C ASP A 608 8.41 3.64 35.10
C ASP A 608 8.42 3.57 35.06
N ARG A 609 9.68 3.48 35.44
CA ARG A 609 10.08 2.48 36.45
C ARG A 609 9.34 2.62 37.76
N ASP A 610 9.08 3.83 38.22
CA ASP A 610 8.39 4.03 39.49
C ASP A 610 6.91 3.60 39.38
N ALA A 611 6.28 3.90 38.24
CA ALA A 611 4.88 3.48 38.01
C ALA A 611 4.80 1.97 37.95
N ILE A 612 5.76 1.33 37.31
CA ILE A 612 5.80 -0.09 37.21
C ILE A 612 5.93 -0.72 38.61
N ALA A 613 6.91 -0.20 39.37
CA ALA A 613 7.15 -0.74 40.73
C ALA A 613 5.90 -0.61 41.60
N GLN A 614 5.21 0.51 41.52
CA GLN A 614 3.96 0.67 42.29
C GLN A 614 2.88 -0.31 41.85
N ALA A 615 2.69 -0.52 40.56
CA ALA A 615 1.69 -1.45 40.10
C ALA A 615 2.02 -2.85 40.58
N VAL A 616 3.29 -3.23 40.54
CA VAL A 616 3.72 -4.57 41.02
C VAL A 616 3.40 -4.74 42.49
N ARG A 617 3.77 -3.73 43.30
CA ARG A 617 3.40 -3.84 44.71
C ARG A 617 1.90 -3.94 44.93
N GLY A 618 1.10 -3.21 44.16
CA GLY A 618 -0.36 -3.29 44.36
C GLY A 618 -0.90 -4.66 44.00
N LEU A 619 -0.35 -5.30 43.00
CA LEU A 619 -0.76 -6.65 42.68
C LEU A 619 -0.43 -7.62 43.79
N ILE A 620 0.77 -7.45 44.34
CA ILE A 620 1.18 -8.41 45.36
C ILE A 620 0.22 -8.26 46.53
N THR A 621 -0.32 -7.09 46.74
CA THR A 621 -1.44 -6.93 47.68
C THR A 621 -2.82 -6.74 47.12
#